data_6F8C
#
_entry.id   6F8C
#
_cell.length_a   100.907
_cell.length_b   64.565
_cell.length_c   128.644
_cell.angle_alpha   90.000
_cell.angle_beta   113.070
_cell.angle_gamma   90.000
#
_symmetry.space_group_name_H-M   'C 1 2 1'
#
loop_
_entity.id
_entity.type
_entity.pdbx_description
1 polymer 'Cytochrome P450 CYP260A1'
2 non-polymer 'PROTOPORPHYRIN IX CONTAINING FE'
3 non-polymer PROGESTERONE
4 water water
#
_entity_poly.entity_id   1
_entity_poly.type   'polypeptide(L)'
_entity_poly.pdbx_seq_one_letter_code
;MDFPLANLFFVPSEDATAFGRRLRAAAQQAPIVFDTAFGMPILLRKSHITTAYRDTATFSTRMFQAGILNGGLAAMQGDE
HARMRRVYNMFFLPRAVSQYEERFVRPISEQVVDRLAGKPRVDLLEDFAMELPRRVIGELFGFPAEKLHETDERVRAMLR
GLVRMHDPAAVAESQRAYGETLGLITEVVERESRDTSDTLLGEILRTLKAEHMDTIEASRQIVLSLILGGYETTSWLVAN
TIHALLAHPDTLARVRQDPSLLPAAIEEGMRWCPSIFGVLRMVERDVRLDDQALSAGTVVCLAGIAGNYDETAYPSPEVY
DIDRKPLPAANVFGGGAHFCVGAPLARMEARVGLQALLARFPGLRAVPEERPSFMYGAKDSVAHGPDKLPVLLHHHHHHH
;
_entity_poly.pdbx_strand_id   A,B
#
loop_
_chem_comp.id
_chem_comp.type
_chem_comp.name
_chem_comp.formula
HEM non-polymer 'PROTOPORPHYRIN IX CONTAINING FE' 'C34 H32 Fe N4 O4'
STR non-polymer PROGESTERONE 'C21 H30 O2'
#
# COMPACT_ATOMS: atom_id res chain seq x y z
N ASP A 2 6.35 -14.98 -14.52
CA ASP A 2 5.49 -15.93 -15.20
C ASP A 2 4.58 -15.24 -16.24
N PHE A 3 4.26 -13.95 -16.02
CA PHE A 3 3.30 -13.29 -16.89
C PHE A 3 3.92 -12.07 -17.51
N PRO A 4 3.46 -11.66 -18.69
CA PRO A 4 3.95 -10.41 -19.26
C PRO A 4 3.54 -9.23 -18.39
N LEU A 5 4.42 -8.25 -18.31
CA LEU A 5 4.11 -7.04 -17.57
C LEU A 5 3.36 -6.06 -18.47
N ALA A 6 2.58 -5.18 -17.85
CA ALA A 6 1.66 -4.28 -18.57
C ALA A 6 1.26 -3.16 -17.64
N ASN A 7 0.78 -2.06 -18.24
CA ASN A 7 0.24 -0.91 -17.51
C ASN A 7 -1.14 -0.70 -18.09
N LEU A 8 -2.13 -1.33 -17.49
CA LEU A 8 -3.46 -1.30 -18.07
C LEU A 8 -4.33 -0.16 -17.59
N PHE A 9 -4.06 0.41 -16.43
CA PHE A 9 -5.08 1.24 -15.81
C PHE A 9 -4.80 2.73 -15.81
N PHE A 10 -3.61 3.14 -15.39
CA PHE A 10 -3.32 4.55 -15.12
C PHE A 10 -2.80 5.21 -16.39
N VAL A 11 -3.73 5.38 -17.33
CA VAL A 11 -3.39 5.80 -18.69
C VAL A 11 -4.45 6.81 -19.13
N PRO A 12 -4.11 8.09 -19.28
CA PRO A 12 -5.13 9.11 -19.64
C PRO A 12 -5.44 9.14 -21.14
N SER A 13 -6.65 9.60 -21.40
CA SER A 13 -7.15 9.72 -22.77
C SER A 13 -8.42 10.55 -22.75
N GLU A 14 -8.63 11.34 -23.82
CA GLU A 14 -9.92 11.99 -24.03
C GLU A 14 -10.92 11.08 -24.72
N ASP A 15 -10.52 9.86 -25.05
CA ASP A 15 -11.37 8.86 -25.68
C ASP A 15 -11.86 7.90 -24.60
N ALA A 16 -13.18 7.91 -24.35
CA ALA A 16 -13.79 7.08 -23.32
C ALA A 16 -13.64 5.60 -23.63
N THR A 17 -13.42 5.25 -24.89
CA THR A 17 -13.26 3.85 -25.28
C THR A 17 -11.84 3.34 -25.10
N ALA A 18 -10.90 4.21 -24.74
CA ALA A 18 -9.51 3.78 -24.73
C ALA A 18 -9.31 2.67 -23.72
N PHE A 19 -9.97 2.80 -22.56
CA PHE A 19 -9.86 1.82 -21.49
C PHE A 19 -10.36 0.46 -21.94
N GLY A 20 -11.60 0.42 -22.41
CA GLY A 20 -12.15 -0.85 -22.88
C GLY A 20 -11.32 -1.46 -23.99
N ARG A 21 -10.86 -0.65 -24.94
CA ARG A 21 -10.06 -1.18 -26.04
C ARG A 21 -8.69 -1.65 -25.58
N ARG A 22 -8.08 -0.93 -24.63
CA ARG A 22 -6.78 -1.36 -24.10
C ARG A 22 -6.89 -2.75 -23.45
N LEU A 23 -7.92 -2.97 -22.63
CA LEU A 23 -8.05 -4.28 -21.99
C LEU A 23 -8.28 -5.40 -23.00
N ARG A 24 -9.13 -5.15 -23.99
CA ARG A 24 -9.40 -6.13 -25.01
C ARG A 24 -8.12 -6.48 -25.76
N ALA A 25 -7.36 -5.46 -26.12
CA ALA A 25 -6.08 -5.65 -26.78
C ALA A 25 -5.14 -6.51 -25.96
N ALA A 26 -5.01 -6.22 -24.67
CA ALA A 26 -4.19 -7.06 -23.82
C ALA A 26 -4.71 -8.50 -23.79
N ALA A 27 -6.02 -8.68 -23.71
CA ALA A 27 -6.55 -10.03 -23.62
C ALA A 27 -6.18 -10.85 -24.85
N GLN A 28 -6.07 -10.21 -26.01
CA GLN A 28 -5.67 -10.91 -27.22
C GLN A 28 -4.22 -11.33 -27.18
N GLN A 29 -3.38 -10.64 -26.41
CA GLN A 29 -1.98 -11.01 -26.36
C GLN A 29 -1.73 -12.12 -25.35
N ALA A 30 -2.40 -12.06 -24.20
CA ALA A 30 -2.10 -13.01 -23.12
C ALA A 30 -3.35 -13.19 -22.26
N PRO A 31 -3.52 -14.34 -21.63
CA PRO A 31 -4.70 -14.54 -20.77
C PRO A 31 -4.61 -13.83 -19.43
N ILE A 32 -3.37 -13.65 -18.99
CA ILE A 32 -3.02 -13.08 -17.70
C ILE A 32 -1.80 -12.18 -17.87
N VAL A 33 -1.87 -10.96 -17.33
CA VAL A 33 -0.75 -10.01 -17.35
C VAL A 33 -0.50 -9.54 -15.93
N PHE A 34 0.73 -9.11 -15.66
CA PHE A 34 1.08 -8.57 -14.34
C PHE A 34 1.08 -7.07 -14.49
N ASP A 35 0.18 -6.39 -13.82
CA ASP A 35 0.11 -4.94 -13.95
C ASP A 35 1.13 -4.24 -13.07
N THR A 36 1.92 -3.36 -13.67
CA THR A 36 2.99 -2.72 -12.96
C THR A 36 2.48 -1.75 -11.90
N ALA A 37 1.29 -1.15 -12.07
CA ALA A 37 0.76 -0.24 -11.05
C ALA A 37 -0.02 -0.95 -9.94
N PHE A 38 -0.90 -1.90 -10.30
CA PHE A 38 -1.59 -2.68 -9.27
C PHE A 38 -0.65 -3.67 -8.59
N GLY A 39 0.40 -4.08 -9.27
CA GLY A 39 1.30 -5.03 -8.65
C GLY A 39 0.71 -6.41 -8.44
N MET A 40 -0.15 -6.85 -9.36
CA MET A 40 -0.73 -8.17 -9.21
C MET A 40 -1.11 -8.73 -10.56
N PRO A 41 -1.35 -10.03 -10.65
CA PRO A 41 -1.84 -10.59 -11.91
C PRO A 41 -3.27 -10.17 -12.21
N ILE A 42 -3.53 -9.89 -13.48
CA ILE A 42 -4.84 -9.45 -13.99
C ILE A 42 -5.31 -10.54 -14.91
N LEU A 43 -6.42 -11.19 -14.55
CA LEU A 43 -7.01 -12.22 -15.39
C LEU A 43 -7.88 -11.56 -16.43
N LEU A 44 -7.58 -11.84 -17.68
CA LEU A 44 -8.26 -11.19 -18.79
C LEU A 44 -9.17 -12.11 -19.59
N ARG A 45 -9.10 -13.40 -19.41
CA ARG A 45 -9.73 -14.36 -20.30
C ARG A 45 -11.09 -14.75 -19.73
N LYS A 46 -12.12 -14.70 -20.58
CA LYS A 46 -13.48 -14.82 -20.09
C LYS A 46 -13.73 -16.15 -19.38
N SER A 47 -13.27 -17.28 -19.94
CA SER A 47 -13.51 -18.56 -19.30
C SER A 47 -12.80 -18.62 -17.96
N HIS A 48 -11.61 -18.01 -17.85
CA HIS A 48 -10.90 -18.02 -16.59
C HIS A 48 -11.65 -17.21 -15.54
N ILE A 49 -12.20 -16.05 -15.94
CA ILE A 49 -12.97 -15.21 -15.03
C ILE A 49 -14.24 -15.93 -14.58
N THR A 50 -14.92 -16.57 -15.51
CA THR A 50 -16.13 -17.32 -15.15
C THR A 50 -15.81 -18.42 -14.15
N THR A 51 -14.74 -19.18 -14.39
CA THR A 51 -14.31 -20.18 -13.42
C THR A 51 -14.06 -19.57 -12.06
N ALA A 52 -13.29 -18.48 -12.06
CA ALA A 52 -12.89 -17.87 -10.81
C ALA A 52 -14.11 -17.40 -10.01
N TYR A 53 -15.08 -16.80 -10.68
CA TYR A 53 -16.27 -16.31 -9.99
C TYR A 53 -17.03 -17.46 -9.33
N ARG A 54 -17.03 -18.62 -10.00
CA ARG A 54 -17.82 -19.76 -9.55
C ARG A 54 -17.13 -20.49 -8.40
N ASP A 55 -15.83 -20.75 -8.52
CA ASP A 55 -15.13 -21.56 -7.50
C ASP A 55 -14.62 -20.69 -6.34
N THR A 56 -15.54 -20.36 -5.45
CA THR A 56 -15.26 -19.49 -4.32
C THR A 56 -14.35 -20.14 -3.28
N ALA A 57 -14.26 -21.47 -3.25
CA ALA A 57 -13.30 -22.10 -2.36
C ALA A 57 -11.87 -21.82 -2.81
N THR A 58 -11.66 -21.64 -4.12
CA THR A 58 -10.34 -21.39 -4.66
C THR A 58 -10.02 -19.91 -4.85
N PHE A 59 -11.02 -19.10 -5.14
CA PHE A 59 -10.88 -17.68 -5.42
C PHE A 59 -11.78 -16.96 -4.42
N SER A 60 -11.21 -16.55 -3.31
CA SER A 60 -11.93 -16.03 -2.16
C SER A 60 -11.85 -14.51 -2.17
N THR A 61 -12.54 -13.87 -1.24
CA THR A 61 -12.31 -12.46 -0.99
C THR A 61 -11.50 -12.23 0.29
N ARG A 62 -10.76 -13.21 0.77
CA ARG A 62 -9.97 -13.02 1.96
C ARG A 62 -8.90 -11.93 1.87
N MET A 63 -8.60 -11.40 0.69
CA MET A 63 -7.65 -10.29 0.71
C MET A 63 -8.22 -9.10 1.44
N PHE A 64 -9.53 -9.00 1.52
CA PHE A 64 -10.14 -7.88 2.22
C PHE A 64 -10.01 -8.00 3.73
N GLN A 65 -9.58 -9.16 4.25
CA GLN A 65 -9.30 -9.20 5.67
C GLN A 65 -8.05 -8.40 6.03
N ALA A 66 -7.25 -7.96 5.06
CA ALA A 66 -6.03 -7.23 5.34
C ALA A 66 -6.21 -5.72 5.49
N GLY A 67 -7.37 -5.19 5.16
CA GLY A 67 -7.57 -3.76 5.17
C GLY A 67 -8.85 -3.32 5.85
N ILE A 68 -9.36 -2.15 5.46
CA ILE A 68 -10.41 -1.50 6.21
C ILE A 68 -11.75 -2.21 6.07
N LEU A 69 -11.89 -3.15 5.13
CA LEU A 69 -13.16 -3.87 4.95
C LEU A 69 -13.21 -5.08 5.85
N ASN A 70 -12.14 -5.35 6.56
CA ASN A 70 -12.19 -6.47 7.49
C ASN A 70 -13.28 -6.26 8.52
N GLY A 71 -14.10 -7.27 8.69
CA GLY A 71 -15.23 -7.23 9.59
C GLY A 71 -16.54 -6.98 8.89
N GLY A 72 -16.50 -6.44 7.67
CA GLY A 72 -17.70 -6.26 6.87
C GLY A 72 -18.00 -7.47 5.98
N LEU A 73 -19.05 -7.30 5.17
CA LEU A 73 -19.55 -8.38 4.34
C LEU A 73 -18.52 -8.86 3.31
N ALA A 74 -17.76 -7.94 2.72
CA ALA A 74 -16.94 -8.33 1.58
C ALA A 74 -15.80 -9.24 1.99
N ALA A 75 -15.36 -9.13 3.24
CA ALA A 75 -14.26 -9.91 3.78
C ALA A 75 -14.68 -11.28 4.27
N MET A 76 -15.97 -11.55 4.34
CA MET A 76 -16.49 -12.81 4.86
C MET A 76 -16.51 -13.85 3.76
N GLN A 77 -16.38 -15.08 4.18
CA GLN A 77 -16.43 -16.24 3.28
C GLN A 77 -17.51 -17.19 3.70
N GLY A 78 -17.87 -18.12 2.80
CA GLY A 78 -18.68 -19.27 3.14
C GLY A 78 -19.96 -18.94 3.86
N ASP A 79 -20.23 -19.64 4.95
CA ASP A 79 -21.51 -19.49 5.62
C ASP A 79 -21.65 -18.16 6.35
N GLU A 80 -20.56 -17.62 6.89
CA GLU A 80 -20.64 -16.31 7.53
C GLU A 80 -21.09 -15.26 6.52
N HIS A 81 -20.52 -15.33 5.33
CA HIS A 81 -20.90 -14.42 4.25
C HIS A 81 -22.36 -14.60 3.87
N ALA A 82 -22.77 -15.85 3.62
CA ALA A 82 -24.16 -16.10 3.24
C ALA A 82 -25.15 -15.50 4.22
N ARG A 83 -24.86 -15.65 5.50
CA ARG A 83 -25.75 -15.19 6.56
C ARG A 83 -25.85 -13.69 6.59
N MET A 84 -24.73 -13.00 6.46
CA MET A 84 -24.79 -11.55 6.44
C MET A 84 -25.33 -11.05 5.11
N ARG A 85 -25.07 -11.79 4.04
CA ARG A 85 -25.58 -11.41 2.74
C ARG A 85 -27.11 -11.39 2.72
N ARG A 86 -27.75 -12.39 3.32
CA ARG A 86 -29.21 -12.41 3.37
C ARG A 86 -29.76 -11.15 4.01
N VAL A 87 -29.08 -10.65 5.05
CA VAL A 87 -29.52 -9.43 5.70
C VAL A 87 -29.45 -8.26 4.75
N TYR A 88 -28.27 -8.01 4.18
CA TYR A 88 -28.15 -6.95 3.19
C TYR A 88 -29.18 -7.14 2.09
N ASN A 89 -29.27 -8.35 1.53
CA ASN A 89 -30.18 -8.63 0.41
C ASN A 89 -31.59 -8.08 0.66
N MET A 90 -32.10 -8.23 1.87
CA MET A 90 -33.47 -7.80 2.12
C MET A 90 -33.70 -6.36 1.73
N PHE A 91 -32.70 -5.52 1.87
CA PHE A 91 -32.89 -4.10 1.67
C PHE A 91 -32.68 -3.64 0.24
N PHE A 92 -32.33 -4.55 -0.67
CA PHE A 92 -32.22 -4.22 -2.08
C PHE A 92 -33.11 -5.11 -2.94
N LEU A 93 -34.14 -5.69 -2.34
CA LEU A 93 -35.11 -6.43 -3.12
C LEU A 93 -35.88 -5.46 -4.02
N PRO A 94 -36.46 -5.96 -5.10
CA PRO A 94 -37.12 -5.03 -6.06
C PRO A 94 -38.14 -4.09 -5.43
N ARG A 95 -39.03 -4.61 -4.59
CA ARG A 95 -40.04 -3.75 -3.97
C ARG A 95 -39.40 -2.69 -3.08
N ALA A 96 -38.33 -3.06 -2.37
CA ALA A 96 -37.66 -2.08 -1.53
C ALA A 96 -37.05 -0.96 -2.37
N VAL A 97 -36.42 -1.33 -3.47
CA VAL A 97 -35.85 -0.36 -4.41
C VAL A 97 -36.92 0.60 -4.90
N SER A 98 -38.07 0.08 -5.33
CA SER A 98 -39.09 0.97 -5.87
C SER A 98 -39.68 1.84 -4.76
N GLN A 99 -39.70 1.36 -3.52
CA GLN A 99 -40.05 2.21 -2.38
C GLN A 99 -39.05 3.36 -2.23
N TYR A 100 -37.75 3.06 -2.33
CA TYR A 100 -36.76 4.14 -2.32
C TYR A 100 -36.99 5.12 -3.47
N GLU A 101 -37.26 4.60 -4.66
CA GLU A 101 -37.47 5.48 -5.80
C GLU A 101 -38.57 6.50 -5.53
N GLU A 102 -39.73 6.04 -5.07
CA GLU A 102 -40.87 6.91 -4.86
C GLU A 102 -40.66 7.83 -3.67
N ARG A 103 -40.21 7.27 -2.55
CA ARG A 103 -40.13 8.02 -1.31
C ARG A 103 -38.96 8.98 -1.26
N PHE A 104 -37.84 8.70 -1.93
CA PHE A 104 -36.82 9.74 -1.98
C PHE A 104 -35.91 9.88 -3.20
N VAL A 105 -35.63 8.85 -4.03
CA VAL A 105 -34.73 9.14 -5.14
C VAL A 105 -35.34 10.14 -6.13
N ARG A 106 -36.61 9.99 -6.46
CA ARG A 106 -37.22 10.96 -7.39
C ARG A 106 -37.29 12.38 -6.83
N PRO A 107 -37.82 12.64 -5.63
CA PRO A 107 -37.79 14.01 -5.09
C PRO A 107 -36.38 14.57 -4.96
N ILE A 108 -35.43 13.78 -4.50
CA ILE A 108 -34.07 14.32 -4.43
C ILE A 108 -33.58 14.67 -5.81
N SER A 109 -33.92 13.86 -6.82
CA SER A 109 -33.42 14.13 -8.16
C SER A 109 -33.91 15.48 -8.64
N GLU A 110 -35.19 15.76 -8.43
CA GLU A 110 -35.77 17.05 -8.80
C GLU A 110 -35.09 18.20 -8.06
N GLN A 111 -34.85 18.02 -6.78
CA GLN A 111 -34.15 19.05 -6.03
C GLN A 111 -32.76 19.31 -6.60
N VAL A 112 -32.01 18.25 -6.92
CA VAL A 112 -30.64 18.43 -7.42
C VAL A 112 -30.67 19.20 -8.74
N VAL A 113 -31.60 18.83 -9.62
CA VAL A 113 -31.75 19.50 -10.91
C VAL A 113 -32.12 20.97 -10.68
N ASP A 114 -32.95 21.25 -9.70
CA ASP A 114 -33.33 22.61 -9.37
C ASP A 114 -32.13 23.50 -9.10
N ARG A 115 -31.21 23.02 -8.30
CA ARG A 115 -30.01 23.77 -8.01
C ARG A 115 -29.22 24.08 -9.27
N LEU A 116 -29.44 23.36 -10.34
CA LEU A 116 -28.75 23.69 -11.59
C LEU A 116 -29.45 24.79 -12.38
N ALA A 117 -30.74 25.02 -12.10
CA ALA A 117 -31.48 26.07 -12.79
C ALA A 117 -30.81 27.43 -12.58
N GLY A 118 -31.15 28.37 -13.46
CA GLY A 118 -30.63 29.71 -13.25
C GLY A 118 -29.14 29.85 -13.43
N LYS A 119 -28.45 28.79 -13.91
CA LYS A 119 -27.07 28.90 -14.36
C LYS A 119 -26.93 28.52 -15.84
N PRO A 120 -26.15 29.28 -16.62
CA PRO A 120 -25.94 28.91 -18.02
C PRO A 120 -25.02 27.70 -18.22
N ARG A 121 -24.05 27.46 -17.32
CA ARG A 121 -23.22 26.27 -17.44
C ARG A 121 -22.86 25.70 -16.09
N VAL A 122 -22.73 24.38 -16.05
CA VAL A 122 -22.42 23.66 -14.84
C VAL A 122 -21.45 22.55 -15.20
N ASP A 123 -20.93 21.91 -14.17
CA ASP A 123 -20.18 20.69 -14.35
C ASP A 123 -21.05 19.56 -13.81
N LEU A 124 -21.57 18.74 -14.71
CA LEU A 124 -22.47 17.67 -14.27
C LEU A 124 -21.75 16.63 -13.44
N LEU A 125 -20.43 16.63 -13.40
CA LEU A 125 -19.76 15.69 -12.54
C LEU A 125 -19.96 16.12 -11.07
N GLU A 126 -19.37 17.25 -10.68
CA GLU A 126 -19.52 17.71 -9.31
C GLU A 126 -20.96 18.10 -8.95
N ASP A 127 -21.72 18.67 -9.88
CA ASP A 127 -22.99 19.31 -9.55
C ASP A 127 -24.19 18.40 -9.79
N PHE A 128 -23.97 17.19 -10.31
CA PHE A 128 -25.05 16.24 -10.51
C PHE A 128 -24.65 14.80 -10.13
N ALA A 129 -23.71 14.22 -10.87
CA ALA A 129 -23.33 12.83 -10.64
C ALA A 129 -22.85 12.56 -9.21
N MET A 130 -22.16 13.51 -8.61
CA MET A 130 -21.76 13.34 -7.23
C MET A 130 -22.83 13.80 -6.24
N GLU A 131 -23.60 14.84 -6.59
CA GLU A 131 -24.58 15.41 -5.67
C GLU A 131 -25.69 14.42 -5.37
N LEU A 132 -26.22 13.78 -6.40
CA LEU A 132 -27.42 12.98 -6.24
C LEU A 132 -27.15 11.79 -5.34
N PRO A 133 -26.16 10.94 -5.60
CA PRO A 133 -25.91 9.81 -4.68
C PRO A 133 -25.59 10.23 -3.23
N ARG A 134 -24.88 11.33 -3.08
CA ARG A 134 -24.58 11.88 -1.78
C ARG A 134 -25.85 12.19 -1.00
N ARG A 135 -26.80 12.87 -1.64
CA ARG A 135 -28.02 13.21 -0.93
C ARG A 135 -28.89 11.99 -0.66
N VAL A 136 -28.81 10.98 -1.53
CA VAL A 136 -29.59 9.77 -1.26
C VAL A 136 -29.06 9.10 0.00
N ILE A 137 -27.74 9.02 0.14
CA ILE A 137 -27.18 8.36 1.31
C ILE A 137 -27.48 9.18 2.54
N GLY A 138 -27.36 10.50 2.40
CA GLY A 138 -27.81 11.41 3.45
C GLY A 138 -29.21 11.08 3.94
N GLU A 139 -30.15 10.91 3.01
CA GLU A 139 -31.51 10.51 3.37
C GLU A 139 -31.54 9.16 4.06
N LEU A 140 -30.75 8.18 3.59
CA LEU A 140 -30.77 6.86 4.25
C LEU A 140 -30.22 6.96 5.66
N PHE A 141 -29.28 7.86 5.89
CA PHE A 141 -28.63 7.99 7.19
C PHE A 141 -29.39 8.92 8.12
N GLY A 142 -30.21 9.80 7.55
CA GLY A 142 -30.80 10.89 8.32
C GLY A 142 -29.78 11.94 8.68
N PHE A 143 -28.71 12.08 7.89
CA PHE A 143 -27.71 13.08 8.15
C PHE A 143 -27.55 13.97 6.93
N PRO A 144 -27.15 15.24 7.13
CA PRO A 144 -27.07 16.18 6.01
C PRO A 144 -26.05 15.73 4.98
N ALA A 145 -26.43 15.80 3.70
CA ALA A 145 -25.50 15.46 2.62
C ALA A 145 -24.18 16.20 2.78
N GLU A 146 -24.24 17.42 3.24
CA GLU A 146 -23.06 18.23 3.37
C GLU A 146 -22.02 17.56 4.22
N LYS A 147 -22.49 16.89 5.23
CA LYS A 147 -21.61 16.15 6.10
C LYS A 147 -20.81 15.10 5.31
N LEU A 148 -21.41 14.36 4.41
CA LEU A 148 -20.69 13.39 3.62
C LEU A 148 -19.73 14.06 2.65
N HIS A 149 -20.16 15.21 2.11
CA HIS A 149 -19.32 15.95 1.20
C HIS A 149 -17.96 16.25 1.82
N GLU A 150 -17.93 16.51 3.14
CA GLU A 150 -16.66 16.79 3.80
C GLU A 150 -15.71 15.58 3.79
N THR A 151 -16.22 14.36 3.54
CA THR A 151 -15.40 13.15 3.60
C THR A 151 -14.79 12.74 2.26
N ASP A 152 -15.00 13.51 1.18
CA ASP A 152 -14.66 13.06 -0.16
C ASP A 152 -13.23 12.55 -0.26
N GLU A 153 -12.30 13.32 0.21
CA GLU A 153 -10.92 12.92 0.10
C GLU A 153 -10.61 11.67 0.91
N ARG A 154 -11.14 11.61 2.12
CA ARG A 154 -10.94 10.42 2.94
C ARG A 154 -11.56 9.22 2.27
N VAL A 155 -12.77 9.37 1.72
CA VAL A 155 -13.41 8.27 1.00
C VAL A 155 -12.52 7.78 -0.12
N ARG A 156 -11.99 8.68 -0.94
CA ARG A 156 -11.17 8.18 -2.03
C ARG A 156 -9.89 7.54 -1.52
N ALA A 157 -9.28 8.11 -0.48
CA ALA A 157 -8.12 7.48 0.14
C ALA A 157 -8.45 6.07 0.61
N MET A 158 -9.63 5.89 1.24
CA MET A 158 -10.03 4.55 1.69
C MET A 158 -10.05 3.57 0.52
N LEU A 159 -10.67 3.97 -0.61
CA LEU A 159 -10.81 3.05 -1.72
C LEU A 159 -9.48 2.73 -2.41
N ARG A 160 -8.60 3.71 -2.58
CA ARG A 160 -7.40 3.43 -3.35
C ARG A 160 -6.60 2.28 -2.76
N GLY A 161 -6.59 2.18 -1.44
CA GLY A 161 -5.84 1.13 -0.74
C GLY A 161 -6.46 -0.25 -0.83
N LEU A 162 -7.72 -0.32 -1.24
CA LEU A 162 -8.39 -1.61 -1.38
C LEU A 162 -8.02 -2.27 -2.67
N VAL A 163 -7.68 -1.46 -3.65
CA VAL A 163 -7.29 -2.01 -4.92
C VAL A 163 -5.79 -2.23 -4.98
N ARG A 164 -5.02 -1.20 -4.64
CA ARG A 164 -3.55 -1.31 -4.69
C ARG A 164 -3.06 -1.74 -3.32
N MET A 165 -3.46 -2.94 -2.97
CA MET A 165 -3.35 -3.39 -1.59
C MET A 165 -1.96 -3.92 -1.25
N HIS A 166 -1.06 -3.97 -2.23
CA HIS A 166 0.34 -4.23 -2.00
C HIS A 166 1.18 -2.96 -1.91
N ASP A 167 0.59 -1.78 -2.06
CA ASP A 167 1.33 -0.52 -2.00
C ASP A 167 1.27 0.04 -0.59
N PRO A 168 2.38 0.11 0.14
CA PRO A 168 2.31 0.60 1.52
C PRO A 168 1.72 2.00 1.68
N ALA A 169 2.03 2.96 0.78
CA ALA A 169 1.47 4.30 0.94
C ALA A 169 -0.04 4.29 0.77
N ALA A 170 -0.54 3.61 -0.27
CA ALA A 170 -1.99 3.55 -0.46
C ALA A 170 -2.69 2.84 0.71
N VAL A 171 -2.16 1.71 1.15
CA VAL A 171 -2.79 0.99 2.24
C VAL A 171 -2.79 1.85 3.51
N ALA A 172 -1.65 2.48 3.82
CA ALA A 172 -1.58 3.29 5.02
C ALA A 172 -2.53 4.48 4.95
N GLU A 173 -2.65 5.14 3.83
CA GLU A 173 -3.56 6.25 3.74
C GLU A 173 -5.01 5.78 3.83
N SER A 174 -5.27 4.59 3.33
CA SER A 174 -6.58 3.98 3.40
C SER A 174 -6.91 3.77 4.85
N GLN A 175 -6.02 3.11 5.58
CA GLN A 175 -6.27 2.88 7.00
C GLN A 175 -6.43 4.21 7.74
N ARG A 176 -5.50 5.14 7.52
CA ARG A 176 -5.60 6.41 8.23
C ARG A 176 -6.88 7.15 7.91
N ALA A 177 -7.28 7.14 6.64
CA ALA A 177 -8.51 7.84 6.27
C ALA A 177 -9.70 7.23 7.00
N TYR A 178 -9.75 5.91 7.07
CA TYR A 178 -10.79 5.26 7.84
C TYR A 178 -10.74 5.71 9.29
N GLY A 179 -9.56 5.80 9.88
CA GLY A 179 -9.52 6.28 11.25
C GLY A 179 -10.04 7.70 11.40
N GLU A 180 -9.75 8.56 10.42
CA GLU A 180 -10.20 9.94 10.42
C GLU A 180 -11.68 10.08 10.09
N THR A 181 -12.33 9.02 9.72
CA THR A 181 -13.76 9.04 9.44
C THR A 181 -14.56 8.30 10.50
N LEU A 182 -13.87 7.64 11.45
CA LEU A 182 -14.60 6.76 12.36
C LEU A 182 -15.45 7.55 13.34
N GLY A 183 -15.01 8.75 13.73
CA GLY A 183 -15.88 9.58 14.57
C GLY A 183 -17.22 9.80 13.91
N LEU A 184 -17.21 10.21 12.64
CA LEU A 184 -18.42 10.37 11.87
C LEU A 184 -19.24 9.09 11.84
N ILE A 185 -18.60 7.99 11.46
CA ILE A 185 -19.32 6.74 11.31
C ILE A 185 -19.94 6.32 12.64
N THR A 186 -19.20 6.52 13.74
CA THR A 186 -19.70 6.15 15.06
C THR A 186 -20.90 7.00 15.46
N GLU A 187 -20.85 8.29 15.13
CA GLU A 187 -21.96 9.18 15.40
C GLU A 187 -23.22 8.73 14.67
N VAL A 188 -23.09 8.40 13.39
CA VAL A 188 -24.23 7.96 12.58
C VAL A 188 -24.78 6.64 13.11
N VAL A 189 -23.91 5.67 13.36
CA VAL A 189 -24.37 4.41 13.93
C VAL A 189 -25.10 4.65 15.24
N GLU A 190 -24.51 5.42 16.15
CA GLU A 190 -25.11 5.60 17.47
C GLU A 190 -26.51 6.20 17.35
N ARG A 191 -26.64 7.23 16.52
CA ARG A 191 -27.93 7.89 16.35
C ARG A 191 -28.99 6.92 15.84
N GLU A 192 -28.71 6.21 14.73
CA GLU A 192 -29.73 5.41 14.10
C GLU A 192 -29.88 4.04 14.73
N SER A 193 -29.03 3.71 15.70
CA SER A 193 -29.28 2.51 16.47
C SER A 193 -30.24 2.74 17.63
N ARG A 194 -30.65 3.98 17.91
CA ARG A 194 -31.60 4.20 19.00
C ARG A 194 -33.00 3.78 18.55
N ASP A 195 -33.88 3.56 19.54
CA ASP A 195 -35.26 3.20 19.22
C ASP A 195 -36.01 4.34 18.56
N THR A 196 -35.53 5.57 18.66
CA THR A 196 -36.14 6.71 17.98
C THR A 196 -35.82 6.78 16.49
N SER A 197 -34.96 5.92 15.96
CA SER A 197 -34.59 6.04 14.55
C SER A 197 -35.77 5.80 13.64
N ASP A 198 -35.91 6.67 12.63
CA ASP A 198 -36.92 6.54 11.57
C ASP A 198 -36.26 6.51 10.19
N THR A 199 -35.03 6.03 10.10
CA THR A 199 -34.32 5.98 8.83
C THR A 199 -34.17 4.55 8.33
N LEU A 200 -33.91 4.44 7.02
CA LEU A 200 -33.58 3.14 6.46
C LEU A 200 -32.37 2.56 7.16
N LEU A 201 -31.34 3.36 7.42
CA LEU A 201 -30.22 2.83 8.19
C LEU A 201 -30.71 2.26 9.52
N GLY A 202 -31.61 2.97 10.19
CA GLY A 202 -32.17 2.45 11.44
C GLY A 202 -32.80 1.08 11.25
N GLU A 203 -33.50 0.88 10.14
CA GLU A 203 -34.16 -0.40 9.90
C GLU A 203 -33.10 -1.49 9.71
N ILE A 204 -32.03 -1.17 8.98
CA ILE A 204 -30.96 -2.14 8.80
C ILE A 204 -30.34 -2.54 10.13
N LEU A 205 -30.04 -1.57 10.98
CA LEU A 205 -29.44 -1.87 12.28
C LEU A 205 -30.40 -2.66 13.13
N ARG A 206 -31.69 -2.43 12.97
CA ARG A 206 -32.70 -3.16 13.68
C ARG A 206 -32.69 -4.60 13.24
N THR A 207 -32.52 -4.81 11.95
CA THR A 207 -32.45 -6.17 11.43
C THR A 207 -31.18 -6.90 11.90
N LEU A 208 -30.04 -6.22 11.90
CA LEU A 208 -28.84 -6.84 12.45
C LEU A 208 -29.03 -7.15 13.92
N LYS A 209 -29.71 -6.26 14.63
CA LYS A 209 -29.94 -6.51 16.04
C LYS A 209 -30.77 -7.77 16.23
N ALA A 210 -31.85 -7.90 15.45
CA ALA A 210 -32.72 -9.08 15.55
C ALA A 210 -31.96 -10.37 15.34
N GLU A 211 -30.87 -10.31 14.56
CA GLU A 211 -30.08 -11.48 14.26
C GLU A 211 -28.89 -11.54 15.17
N HIS A 212 -28.83 -10.65 16.16
CA HIS A 212 -27.73 -10.61 17.11
C HIS A 212 -26.40 -10.46 16.37
N MET A 213 -26.44 -9.67 15.29
CA MET A 213 -25.25 -9.37 14.48
C MET A 213 -24.80 -7.93 14.63
N ASP A 214 -25.45 -7.14 15.49
CA ASP A 214 -25.17 -5.71 15.56
C ASP A 214 -24.01 -5.39 16.49
N THR A 215 -22.88 -5.98 16.17
CA THR A 215 -21.61 -5.64 16.80
C THR A 215 -21.19 -4.24 16.36
N ILE A 216 -20.24 -3.66 17.09
CA ILE A 216 -19.72 -2.35 16.72
C ILE A 216 -19.16 -2.40 15.31
N GLU A 217 -18.40 -3.46 15.01
CA GLU A 217 -17.75 -3.49 13.70
C GLU A 217 -18.77 -3.73 12.58
N ALA A 218 -19.70 -4.67 12.77
CA ALA A 218 -20.72 -4.90 11.72
C ALA A 218 -21.50 -3.62 11.40
N SER A 219 -21.95 -2.91 12.44
CA SER A 219 -22.72 -1.70 12.22
C SER A 219 -21.90 -0.65 11.50
N ARG A 220 -20.65 -0.46 11.91
CA ARG A 220 -19.77 0.49 11.23
C ARG A 220 -19.56 0.13 9.78
N GLN A 221 -19.45 -1.17 9.50
CA GLN A 221 -19.18 -1.63 8.14
C GLN A 221 -20.38 -1.44 7.23
N ILE A 222 -21.58 -1.51 7.77
CA ILE A 222 -22.78 -1.24 6.98
C ILE A 222 -22.72 0.24 6.55
N VAL A 223 -22.42 1.12 7.48
CA VAL A 223 -22.34 2.54 7.14
C VAL A 223 -21.21 2.77 6.14
N LEU A 224 -20.05 2.17 6.40
CA LEU A 224 -18.94 2.31 5.49
C LEU A 224 -19.31 1.86 4.07
N SER A 225 -20.05 0.77 3.93
CA SER A 225 -20.36 0.29 2.57
C SER A 225 -21.34 1.22 1.88
N LEU A 226 -22.28 1.79 2.61
CA LEU A 226 -23.22 2.71 2.00
C LEU A 226 -22.50 3.99 1.56
N ILE A 227 -21.45 4.39 2.27
CA ILE A 227 -20.67 5.54 1.84
C ILE A 227 -19.81 5.19 0.63
N LEU A 228 -18.96 4.15 0.73
CA LEU A 228 -18.03 3.84 -0.36
C LEU A 228 -18.76 3.42 -1.63
N GLY A 229 -19.78 2.60 -1.48
CA GLY A 229 -20.53 2.14 -2.62
C GLY A 229 -21.65 3.10 -3.00
N GLY A 230 -22.49 3.43 -2.02
CA GLY A 230 -23.68 4.22 -2.28
C GLY A 230 -23.40 5.63 -2.71
N TYR A 231 -22.30 6.20 -2.26
CA TYR A 231 -22.00 7.58 -2.62
C TYR A 231 -20.95 7.65 -3.72
N GLU A 232 -19.72 7.31 -3.38
CA GLU A 232 -18.60 7.51 -4.30
C GLU A 232 -18.71 6.64 -5.55
N THR A 233 -18.88 5.33 -5.38
CA THR A 233 -18.81 4.44 -6.53
C THR A 233 -20.00 4.69 -7.45
N THR A 234 -21.17 5.02 -6.88
CA THR A 234 -22.37 5.27 -7.69
C THR A 234 -22.20 6.52 -8.53
N SER A 235 -21.47 7.52 -8.03
CA SER A 235 -21.26 8.75 -8.75
C SER A 235 -20.70 8.49 -10.14
N TRP A 236 -19.74 7.58 -10.22
CA TRP A 236 -19.06 7.37 -11.50
C TRP A 236 -19.94 6.65 -12.51
N LEU A 237 -20.84 5.78 -12.05
CA LEU A 237 -21.82 5.17 -12.96
C LEU A 237 -22.69 6.23 -13.61
N VAL A 238 -23.23 7.14 -12.80
CA VAL A 238 -24.04 8.23 -13.33
C VAL A 238 -23.22 9.10 -14.29
N ALA A 239 -22.00 9.47 -13.88
CA ALA A 239 -21.13 10.30 -14.69
C ALA A 239 -20.88 9.68 -16.05
N ASN A 240 -20.57 8.38 -16.06
CA ASN A 240 -20.21 7.76 -17.33
C ASN A 240 -21.44 7.64 -18.23
N THR A 241 -22.59 7.38 -17.63
CA THR A 241 -23.81 7.33 -18.42
C THR A 241 -24.10 8.68 -19.06
N ILE A 242 -23.91 9.78 -18.30
CA ILE A 242 -24.08 11.14 -18.83
C ILE A 242 -23.11 11.41 -19.94
N HIS A 243 -21.83 11.08 -19.73
CA HIS A 243 -20.88 11.30 -20.80
C HIS A 243 -21.30 10.58 -22.07
N ALA A 244 -21.69 9.32 -21.96
CA ALA A 244 -22.09 8.57 -23.15
C ALA A 244 -23.23 9.27 -23.89
N LEU A 245 -24.23 9.79 -23.16
CA LEU A 245 -25.33 10.47 -23.82
C LEU A 245 -24.87 11.79 -24.42
N LEU A 246 -24.11 12.57 -23.65
CA LEU A 246 -23.61 13.84 -24.13
C LEU A 246 -22.74 13.66 -25.37
N ALA A 247 -21.95 12.58 -25.40
CA ALA A 247 -21.08 12.31 -26.53
C ALA A 247 -21.82 11.86 -27.77
N HIS A 248 -23.09 11.51 -27.65
CA HIS A 248 -23.88 10.95 -28.75
C HIS A 248 -25.22 11.70 -28.79
N PRO A 249 -25.19 12.96 -29.19
CA PRO A 249 -26.38 13.82 -29.05
C PRO A 249 -27.63 13.26 -29.69
N ASP A 250 -27.51 12.50 -30.77
CA ASP A 250 -28.70 11.89 -31.38
C ASP A 250 -29.33 10.87 -30.44
N THR A 251 -28.51 10.04 -29.78
CA THR A 251 -29.05 9.11 -28.79
C THR A 251 -29.63 9.87 -27.57
N LEU A 252 -28.96 10.95 -27.13
CA LEU A 252 -29.49 11.74 -26.03
C LEU A 252 -30.88 12.28 -26.35
N ALA A 253 -31.04 12.87 -27.54
CA ALA A 253 -32.35 13.36 -27.94
C ALA A 253 -33.39 12.25 -27.93
N ARG A 254 -33.05 11.08 -28.48
CA ARG A 254 -33.99 9.96 -28.48
C ARG A 254 -34.38 9.59 -27.06
N VAL A 255 -33.41 9.59 -26.13
CA VAL A 255 -33.71 9.21 -24.76
C VAL A 255 -34.57 10.27 -24.10
N ARG A 256 -34.32 11.53 -24.44
CA ARG A 256 -35.15 12.61 -23.90
C ARG A 256 -36.58 12.45 -24.39
N GLN A 257 -36.74 12.19 -25.68
CA GLN A 257 -38.07 11.97 -26.25
C GLN A 257 -38.68 10.69 -25.70
N ASP A 258 -37.87 9.70 -25.33
CA ASP A 258 -38.41 8.43 -24.84
C ASP A 258 -37.62 7.94 -23.62
N PRO A 259 -37.95 8.46 -22.44
CA PRO A 259 -37.20 8.10 -21.22
C PRO A 259 -37.31 6.65 -20.81
N SER A 260 -38.15 5.87 -21.50
CA SER A 260 -38.19 4.43 -21.26
C SER A 260 -36.92 3.75 -21.73
N LEU A 261 -36.11 4.41 -22.57
CA LEU A 261 -34.82 3.89 -23.05
C LEU A 261 -33.69 4.02 -22.04
N LEU A 262 -33.93 4.68 -20.91
CA LEU A 262 -32.83 4.91 -19.99
C LEU A 262 -32.17 3.64 -19.49
N PRO A 263 -32.91 2.56 -19.13
CA PRO A 263 -32.20 1.34 -18.74
C PRO A 263 -31.26 0.85 -19.80
N ALA A 264 -31.68 0.85 -21.06
CA ALA A 264 -30.76 0.41 -22.10
C ALA A 264 -29.58 1.37 -22.25
N ALA A 265 -29.80 2.68 -22.08
CA ALA A 265 -28.69 3.64 -22.13
C ALA A 265 -27.66 3.37 -21.03
N ILE A 266 -28.14 2.98 -19.85
CA ILE A 266 -27.25 2.73 -18.71
C ILE A 266 -26.44 1.47 -18.92
N GLU A 267 -27.09 0.39 -19.33
CA GLU A 267 -26.41 -0.86 -19.54
C GLU A 267 -25.37 -0.77 -20.67
N GLU A 268 -25.75 -0.21 -21.81
CA GLU A 268 -24.77 -0.04 -22.88
C GLU A 268 -23.63 0.82 -22.40
N GLY A 269 -23.94 1.82 -21.57
CA GLY A 269 -22.92 2.67 -21.04
C GLY A 269 -21.95 1.92 -20.17
N MET A 270 -22.44 0.92 -19.44
CA MET A 270 -21.54 0.10 -18.63
C MET A 270 -20.63 -0.77 -19.49
N ARG A 271 -21.09 -1.17 -20.69
CA ARG A 271 -20.23 -1.92 -21.61
C ARG A 271 -19.23 -0.97 -22.26
N TRP A 272 -19.75 0.15 -22.79
CA TRP A 272 -18.96 1.05 -23.62
C TRP A 272 -17.96 1.86 -22.79
N CYS A 273 -18.37 2.36 -21.63
CA CYS A 273 -17.50 3.19 -20.76
C CYS A 273 -17.63 2.72 -19.31
N PRO A 274 -17.10 1.55 -19.00
CA PRO A 274 -17.20 1.03 -17.62
C PRO A 274 -16.48 1.92 -16.63
N SER A 275 -17.03 1.98 -15.42
CA SER A 275 -16.38 2.77 -14.39
C SER A 275 -15.43 1.93 -13.52
N ILE A 276 -15.52 0.61 -13.59
CA ILE A 276 -14.68 -0.31 -12.83
C ILE A 276 -14.18 -1.40 -13.76
N PHE A 277 -13.01 -1.94 -13.47
CA PHE A 277 -12.46 -2.99 -14.34
C PHE A 277 -12.96 -4.38 -13.99
N GLY A 278 -13.28 -4.59 -12.73
CA GLY A 278 -13.55 -5.92 -12.27
C GLY A 278 -13.55 -6.02 -10.76
N VAL A 279 -12.89 -7.07 -10.29
CA VAL A 279 -12.90 -7.42 -8.88
C VAL A 279 -11.54 -7.97 -8.47
N LEU A 280 -11.33 -8.01 -7.18
CA LEU A 280 -10.18 -8.69 -6.61
C LEU A 280 -10.61 -10.04 -6.04
N ARG A 281 -9.72 -11.04 -6.14
CA ARG A 281 -9.85 -12.33 -5.50
C ARG A 281 -8.49 -12.75 -5.01
N MET A 282 -8.50 -13.60 -4.00
CA MET A 282 -7.28 -14.20 -3.46
C MET A 282 -7.27 -15.68 -3.80
N VAL A 283 -6.21 -16.13 -4.45
CA VAL A 283 -6.04 -17.54 -4.76
C VAL A 283 -5.74 -18.31 -3.47
N GLU A 284 -6.56 -19.26 -3.11
CA GLU A 284 -6.42 -19.99 -1.88
C GLU A 284 -5.54 -21.22 -1.94
N ARG A 285 -5.31 -21.74 -3.12
CA ARG A 285 -4.47 -22.89 -3.30
C ARG A 285 -3.86 -22.87 -4.68
N ASP A 286 -2.67 -23.44 -4.80
CA ASP A 286 -2.06 -23.52 -6.10
C ASP A 286 -3.10 -24.00 -7.09
N VAL A 287 -3.25 -23.29 -8.19
CA VAL A 287 -4.24 -23.63 -9.19
C VAL A 287 -3.67 -23.39 -10.57
N ARG A 288 -4.14 -24.14 -11.54
CA ARG A 288 -3.72 -23.91 -12.91
C ARG A 288 -4.98 -23.69 -13.73
N LEU A 289 -4.92 -22.68 -14.60
CA LEU A 289 -6.03 -22.30 -15.47
C LEU A 289 -5.48 -22.48 -16.87
N ASP A 290 -5.83 -23.60 -17.49
CA ASP A 290 -5.23 -23.97 -18.76
C ASP A 290 -3.73 -24.01 -18.54
N ASP A 291 -2.93 -23.31 -19.33
CA ASP A 291 -1.48 -23.25 -19.17
C ASP A 291 -1.00 -22.29 -18.09
N GLN A 292 -1.88 -21.50 -17.49
CA GLN A 292 -1.45 -20.49 -16.55
C GLN A 292 -1.55 -21.05 -15.14
N ALA A 293 -0.56 -20.75 -14.31
CA ALA A 293 -0.54 -21.21 -12.92
C ALA A 293 -0.50 -20.01 -12.00
N LEU A 294 -1.33 -20.08 -10.97
CA LEU A 294 -1.36 -19.08 -9.91
C LEU A 294 -1.03 -19.76 -8.58
N SER A 295 -0.23 -19.13 -7.76
CA SER A 295 0.15 -19.77 -6.51
C SER A 295 -0.74 -19.32 -5.36
N ALA A 296 -0.94 -20.22 -4.40
CA ALA A 296 -1.74 -19.93 -3.24
C ALA A 296 -1.25 -18.68 -2.53
N GLY A 297 -2.18 -17.84 -2.09
CA GLY A 297 -1.84 -16.59 -1.46
C GLY A 297 -1.74 -15.40 -2.40
N THR A 298 -1.79 -15.62 -3.71
CA THR A 298 -1.71 -14.52 -4.66
C THR A 298 -3.05 -13.84 -4.76
N VAL A 299 -3.00 -12.53 -4.71
CA VAL A 299 -4.15 -11.72 -4.94
C VAL A 299 -4.19 -11.37 -6.44
N VAL A 300 -5.34 -11.52 -7.06
CA VAL A 300 -5.49 -11.24 -8.47
C VAL A 300 -6.66 -10.28 -8.73
N CYS A 301 -6.59 -9.60 -9.83
CA CYS A 301 -7.87 -8.96 -10.38
CA CYS A 301 -7.91 -8.90 -10.31
C CYS A 301 -8.58 -9.68 -11.63
N LEU A 302 -9.80 -10.07 -11.46
CA LEU A 302 -10.65 -10.41 -12.56
C LEU A 302 -11.07 -9.16 -13.34
N ALA A 303 -10.57 -9.00 -14.54
CA ALA A 303 -10.92 -7.88 -15.38
C ALA A 303 -12.08 -8.30 -16.28
N GLY A 304 -13.25 -8.42 -15.70
CA GLY A 304 -14.41 -8.86 -16.44
C GLY A 304 -14.74 -7.95 -17.59
N ILE A 305 -14.35 -6.67 -17.51
CA ILE A 305 -14.64 -5.77 -18.62
C ILE A 305 -13.73 -6.00 -19.83
N ALA A 306 -12.76 -6.91 -19.76
CA ALA A 306 -11.92 -7.16 -20.95
C ALA A 306 -12.67 -7.70 -22.15
N GLY A 307 -13.84 -8.29 -21.95
CA GLY A 307 -14.73 -8.76 -22.99
C GLY A 307 -15.73 -7.73 -23.53
N ASN A 308 -15.79 -6.52 -22.94
CA ASN A 308 -16.74 -5.51 -23.35
C ASN A 308 -16.54 -5.10 -24.78
N TYR A 309 -15.30 -5.17 -25.25
CA TYR A 309 -14.92 -4.76 -26.60
C TYR A 309 -14.50 -5.97 -27.45
N ASP A 310 -14.88 -7.17 -27.04
CA ASP A 310 -14.66 -8.36 -27.86
C ASP A 310 -15.59 -8.23 -29.05
N GLU A 311 -15.02 -7.90 -30.21
CA GLU A 311 -15.78 -7.64 -31.43
C GLU A 311 -16.60 -8.86 -31.86
N THR A 312 -16.11 -10.05 -31.55
CA THR A 312 -16.85 -11.27 -31.85
C THR A 312 -18.11 -11.37 -31.01
N ALA A 313 -18.17 -10.64 -29.89
CA ALA A 313 -19.32 -10.66 -29.00
C ALA A 313 -20.23 -9.46 -29.18
N TYR A 314 -19.66 -8.28 -29.38
CA TYR A 314 -20.41 -7.02 -29.49
C TYR A 314 -19.82 -6.32 -30.72
N PRO A 315 -20.42 -6.48 -31.89
CA PRO A 315 -19.83 -5.90 -33.11
C PRO A 315 -19.84 -4.38 -33.07
N SER A 316 -18.87 -3.79 -33.74
CA SER A 316 -18.58 -2.36 -33.62
C SER A 316 -18.57 -1.97 -32.15
N PRO A 317 -17.69 -2.56 -31.35
CA PRO A 317 -17.73 -2.31 -29.91
C PRO A 317 -17.44 -0.89 -29.51
N GLU A 318 -16.73 -0.15 -30.36
CA GLU A 318 -16.46 1.25 -30.06
C GLU A 318 -17.71 2.10 -30.21
N VAL A 319 -18.78 1.57 -30.75
CA VAL A 319 -20.00 2.34 -30.96
C VAL A 319 -20.91 2.22 -29.73
N TYR A 320 -21.34 3.35 -29.20
CA TYR A 320 -22.32 3.40 -28.14
C TYR A 320 -23.68 3.22 -28.80
N ASP A 321 -24.21 2.01 -28.73
CA ASP A 321 -25.43 1.61 -29.41
C ASP A 321 -26.46 1.10 -28.40
N ILE A 322 -27.39 1.96 -27.97
CA ILE A 322 -28.38 1.50 -27.00
C ILE A 322 -29.34 0.46 -27.55
N ASP A 323 -29.31 0.17 -28.84
CA ASP A 323 -30.26 -0.78 -29.43
C ASP A 323 -29.71 -2.20 -29.52
N ARG A 324 -28.53 -2.47 -28.98
CA ARG A 324 -27.96 -3.80 -29.07
C ARG A 324 -28.90 -4.86 -28.54
N LYS A 325 -28.95 -5.99 -29.24
CA LYS A 325 -29.83 -7.11 -28.95
C LYS A 325 -28.96 -8.36 -29.06
N PRO A 326 -28.68 -9.03 -27.94
CA PRO A 326 -29.10 -8.74 -26.56
C PRO A 326 -28.34 -7.57 -25.94
N LEU A 327 -28.91 -6.97 -24.90
CA LEU A 327 -28.19 -5.90 -24.23
C LEU A 327 -27.02 -6.47 -23.45
N PRO A 328 -25.90 -5.77 -23.39
CA PRO A 328 -24.69 -6.35 -22.77
C PRO A 328 -24.88 -6.60 -21.28
N ALA A 329 -24.35 -7.73 -20.84
CA ALA A 329 -24.36 -8.10 -19.43
C ALA A 329 -23.35 -7.25 -18.66
N ALA A 330 -23.79 -6.63 -17.57
CA ALA A 330 -22.91 -5.74 -16.81
C ALA A 330 -21.78 -6.51 -16.15
N ASN A 331 -20.57 -5.98 -16.27
CA ASN A 331 -19.37 -6.57 -15.70
C ASN A 331 -18.80 -5.73 -14.56
N VAL A 332 -19.46 -4.62 -14.22
CA VAL A 332 -18.94 -3.66 -13.24
C VAL A 332 -19.37 -3.96 -11.81
N PHE A 333 -20.16 -5.01 -11.59
CA PHE A 333 -20.71 -5.37 -10.29
C PHE A 333 -20.10 -6.65 -9.72
N GLY A 334 -19.03 -7.16 -10.31
CA GLY A 334 -18.45 -8.37 -9.78
C GLY A 334 -19.22 -9.60 -10.20
N GLY A 335 -19.23 -10.61 -9.33
CA GLY A 335 -19.78 -11.91 -9.73
C GLY A 335 -19.70 -12.93 -8.64
N GLY A 336 -20.22 -14.11 -8.95
CA GLY A 336 -20.28 -15.13 -7.97
C GLY A 336 -21.12 -14.71 -6.79
N ALA A 337 -20.76 -15.25 -5.64
CA ALA A 337 -21.55 -14.95 -4.46
C ALA A 337 -21.34 -13.55 -3.96
N HIS A 338 -20.26 -12.89 -4.38
CA HIS A 338 -20.02 -11.53 -3.93
C HIS A 338 -20.60 -10.44 -4.84
N PHE A 339 -21.30 -10.80 -5.91
CA PHE A 339 -21.88 -9.80 -6.80
C PHE A 339 -22.52 -8.64 -6.01
N CYS A 340 -22.23 -7.41 -6.42
CA CYS A 340 -22.61 -6.21 -5.66
C CYS A 340 -24.08 -6.22 -5.21
N VAL A 341 -24.29 -6.12 -3.89
CA VAL A 341 -25.63 -6.18 -3.34
C VAL A 341 -26.35 -4.85 -3.49
N GLY A 342 -25.62 -3.76 -3.65
CA GLY A 342 -26.27 -2.49 -3.83
C GLY A 342 -26.54 -2.10 -5.27
N ALA A 343 -26.11 -2.91 -6.23
CA ALA A 343 -26.31 -2.59 -7.62
C ALA A 343 -27.75 -2.16 -7.94
N PRO A 344 -28.80 -2.76 -7.36
CA PRO A 344 -30.15 -2.34 -7.76
C PRO A 344 -30.42 -0.89 -7.39
N LEU A 345 -29.92 -0.44 -6.25
CA LEU A 345 -30.07 0.97 -5.89
C LEU A 345 -29.32 1.86 -6.88
N ALA A 346 -28.09 1.46 -7.24
CA ALA A 346 -27.29 2.30 -8.14
C ALA A 346 -27.93 2.43 -9.51
N ARG A 347 -28.42 1.33 -10.05
CA ARG A 347 -29.07 1.35 -11.35
C ARG A 347 -30.30 2.23 -11.35
N MET A 348 -31.10 2.16 -10.29
CA MET A 348 -32.29 3.01 -10.20
C MET A 348 -31.93 4.48 -10.08
N GLU A 349 -30.92 4.83 -9.27
CA GLU A 349 -30.51 6.23 -9.18
C GLU A 349 -30.08 6.77 -10.53
N ALA A 350 -29.31 5.98 -11.30
CA ALA A 350 -28.91 6.45 -12.62
C ALA A 350 -30.11 6.78 -13.48
N ARG A 351 -31.10 5.89 -13.49
CA ARG A 351 -32.28 6.13 -14.33
C ARG A 351 -33.08 7.34 -13.85
N VAL A 352 -33.39 7.37 -12.56
CA VAL A 352 -34.30 8.38 -12.02
C VAL A 352 -33.66 9.77 -12.09
N GLY A 353 -32.37 9.84 -11.81
CA GLY A 353 -31.68 11.11 -11.93
C GLY A 353 -31.56 11.59 -13.36
N LEU A 354 -31.21 10.70 -14.28
CA LEU A 354 -31.04 11.15 -15.65
C LEU A 354 -32.39 11.59 -16.24
N GLN A 355 -33.46 10.88 -15.91
CA GLN A 355 -34.81 11.29 -16.31
C GLN A 355 -35.12 12.73 -15.87
N ALA A 356 -34.81 13.06 -14.63
CA ALA A 356 -35.13 14.38 -14.13
C ALA A 356 -34.31 15.45 -14.85
N LEU A 357 -33.06 15.11 -15.16
CA LEU A 357 -32.15 16.00 -15.86
C LEU A 357 -32.59 16.23 -17.29
N LEU A 358 -32.84 15.13 -18.01
CA LEU A 358 -33.17 15.25 -19.42
C LEU A 358 -34.47 16.00 -19.63
N ALA A 359 -35.45 15.77 -18.75
CA ALA A 359 -36.74 16.44 -18.88
C ALA A 359 -36.60 17.93 -18.62
N ARG A 360 -35.74 18.32 -17.68
CA ARG A 360 -35.73 19.72 -17.29
C ARG A 360 -34.95 20.59 -18.26
N PHE A 361 -33.95 20.05 -18.94
CA PHE A 361 -33.08 20.86 -19.80
C PHE A 361 -33.06 20.31 -21.21
N PRO A 362 -34.10 20.58 -22.02
CA PRO A 362 -34.09 20.13 -23.42
C PRO A 362 -32.91 20.67 -24.19
N GLY A 363 -32.29 21.74 -23.73
CA GLY A 363 -31.14 22.28 -24.40
C GLY A 363 -29.82 21.69 -23.96
N LEU A 364 -29.84 20.67 -23.12
CA LEU A 364 -28.63 20.10 -22.56
C LEU A 364 -27.62 19.66 -23.63
N ARG A 365 -26.36 20.09 -23.47
CA ARG A 365 -25.35 19.66 -24.42
C ARG A 365 -23.95 19.86 -23.84
N ALA A 366 -23.00 19.10 -24.36
CA ALA A 366 -21.66 19.28 -23.85
C ALA A 366 -21.12 20.63 -24.30
N VAL A 367 -20.28 21.21 -23.47
CA VAL A 367 -19.55 22.42 -23.85
C VAL A 367 -18.57 21.92 -24.91
N PRO A 368 -18.71 22.37 -26.17
CA PRO A 368 -17.93 21.75 -27.24
C PRO A 368 -16.46 22.18 -27.24
N GLU A 369 -16.03 22.85 -26.20
CA GLU A 369 -14.66 23.34 -26.15
C GLU A 369 -13.82 22.31 -25.42
N GLU A 370 -13.40 22.62 -24.21
CA GLU A 370 -12.91 21.69 -23.19
C GLU A 370 -13.55 20.29 -23.21
N ARG A 371 -12.81 19.35 -23.50
CA ARG A 371 -13.14 17.92 -23.57
C ARG A 371 -12.79 17.18 -22.31
N PRO A 372 -13.67 16.29 -21.81
CA PRO A 372 -13.31 15.45 -20.67
C PRO A 372 -12.11 14.55 -20.98
N SER A 373 -11.28 14.34 -19.99
CA SER A 373 -10.16 13.41 -20.03
C SER A 373 -10.53 12.23 -19.16
N PHE A 374 -10.26 11.02 -19.66
CA PHE A 374 -10.60 9.76 -19.02
C PHE A 374 -9.36 9.00 -18.62
N MET A 375 -9.44 8.39 -17.44
CA MET A 375 -8.47 7.42 -16.96
C MET A 375 -9.08 6.69 -15.78
N TYR A 376 -8.59 5.50 -15.56
CA TYR A 376 -8.76 4.86 -14.28
C TYR A 376 -7.95 5.69 -13.29
N GLY A 377 -8.54 5.97 -12.14
CA GLY A 377 -7.92 6.87 -11.19
C GLY A 377 -8.37 8.30 -11.32
N ALA A 378 -9.42 8.55 -12.12
CA ALA A 378 -9.94 9.90 -12.27
C ALA A 378 -10.25 10.51 -10.90
N LYS A 379 -9.78 11.73 -10.70
CA LYS A 379 -10.03 12.46 -9.46
C LYS A 379 -9.59 11.63 -8.25
N ASP A 380 -8.50 10.90 -8.38
CA ASP A 380 -7.96 10.09 -7.28
C ASP A 380 -8.90 8.95 -6.87
N SER A 381 -9.91 8.62 -7.69
CA SER A 381 -10.85 7.56 -7.36
C SER A 381 -10.27 6.20 -7.77
N VAL A 382 -11.09 5.15 -7.61
CA VAL A 382 -10.79 3.84 -8.18
C VAL A 382 -11.78 3.62 -9.31
N ALA A 383 -12.06 4.70 -10.04
CA ALA A 383 -12.96 4.64 -11.17
C ALA A 383 -12.25 5.04 -12.46
N HIS A 384 -12.72 4.48 -13.54
CA HIS A 384 -12.48 5.04 -14.87
C HIS A 384 -13.64 5.96 -15.20
N GLY A 385 -13.35 7.24 -15.32
CA GLY A 385 -14.39 8.21 -15.53
C GLY A 385 -13.81 9.53 -16.00
N PRO A 386 -14.68 10.49 -16.26
CA PRO A 386 -14.25 11.82 -16.72
C PRO A 386 -13.74 12.68 -15.58
N ASP A 387 -12.89 13.66 -15.91
CA ASP A 387 -12.45 14.65 -14.92
C ASP A 387 -13.45 15.78 -14.73
N LYS A 388 -14.33 16.00 -15.69
CA LYS A 388 -15.36 17.03 -15.61
C LYS A 388 -16.37 16.77 -16.72
N LEU A 389 -17.58 17.28 -16.55
CA LEU A 389 -18.62 17.09 -17.56
C LEU A 389 -19.32 18.42 -17.80
N PRO A 390 -18.58 19.40 -18.30
CA PRO A 390 -19.17 20.73 -18.48
C PRO A 390 -20.21 20.70 -19.58
N VAL A 391 -21.36 21.29 -19.28
CA VAL A 391 -22.48 21.32 -20.20
C VAL A 391 -23.03 22.73 -20.30
N LEU A 392 -23.83 22.94 -21.35
CA LEU A 392 -24.71 24.08 -21.49
C LEU A 392 -26.11 23.55 -21.30
N LEU A 393 -26.86 24.18 -20.42
CA LEU A 393 -28.17 23.71 -20.11
C LEU A 393 -29.25 24.34 -20.94
N HIS A 394 -29.02 25.56 -21.44
CA HIS A 394 -30.01 26.29 -22.22
C HIS A 394 -29.65 26.61 -23.68
N HIS A 395 -30.69 26.66 -24.52
CA HIS A 395 -30.59 26.91 -25.96
C HIS A 395 -29.73 28.14 -26.31
N MET B 1 -5.08 -22.54 1.89
CA MET B 1 -3.73 -21.98 2.15
C MET B 1 -3.01 -22.95 3.04
N ASP B 2 -1.69 -22.86 3.06
CA ASP B 2 -0.94 -23.70 3.98
C ASP B 2 -0.90 -23.10 5.37
N PHE B 3 -0.96 -21.78 5.49
CA PHE B 3 -0.83 -21.08 6.75
C PHE B 3 -1.98 -20.15 7.01
N PRO B 4 -2.21 -19.78 8.27
CA PRO B 4 -3.20 -18.74 8.57
C PRO B 4 -2.74 -17.41 8.00
N LEU B 5 -3.71 -16.56 7.67
CA LEU B 5 -3.41 -15.23 7.15
C LEU B 5 -3.12 -14.27 8.27
N ALA B 6 -2.32 -13.27 7.96
CA ALA B 6 -2.06 -12.19 8.90
C ALA B 6 -1.78 -10.90 8.14
N ASN B 7 -1.91 -9.79 8.87
CA ASN B 7 -1.63 -8.47 8.33
C ASN B 7 -0.70 -7.78 9.33
N LEU B 8 0.58 -8.07 9.18
CA LEU B 8 1.56 -7.65 10.18
C LEU B 8 2.26 -6.37 9.80
N PHE B 9 2.38 -6.09 8.51
CA PHE B 9 3.28 -5.03 8.08
C PHE B 9 2.58 -3.75 7.72
N PHE B 10 1.49 -3.84 6.95
CA PHE B 10 0.83 -2.70 6.32
C PHE B 10 -0.27 -2.12 7.18
N VAL B 11 0.05 -1.77 8.42
CA VAL B 11 -0.89 -1.16 9.36
C VAL B 11 -0.21 0.05 9.98
N PRO B 12 -0.67 1.27 9.68
CA PRO B 12 -0.03 2.46 10.27
C PRO B 12 -0.52 2.66 11.69
N SER B 13 0.32 3.31 12.50
CA SER B 13 -0.07 3.64 13.86
C SER B 13 0.81 4.78 14.37
N GLU B 14 0.22 5.64 15.19
CA GLU B 14 1.04 6.63 15.88
C GLU B 14 1.74 6.02 17.10
N ASP B 15 1.48 4.76 17.39
CA ASP B 15 2.12 4.07 18.48
C ASP B 15 3.23 3.23 17.87
N ALA B 16 4.49 3.60 18.15
CA ALA B 16 5.65 2.94 17.57
C ALA B 16 5.75 1.48 17.95
N THR B 17 5.08 1.09 19.06
CA THR B 17 5.12 -0.30 19.51
C THR B 17 4.12 -1.19 18.81
N ALA B 18 3.24 -0.63 17.98
CA ALA B 18 2.17 -1.43 17.38
C ALA B 18 2.72 -2.59 16.54
N PHE B 19 3.76 -2.33 15.78
CA PHE B 19 4.38 -3.34 14.93
C PHE B 19 4.91 -4.51 15.78
N GLY B 20 5.70 -4.20 16.79
CA GLY B 20 6.21 -5.25 17.67
C GLY B 20 5.11 -6.06 18.35
N ARG B 21 4.06 -5.37 18.82
CA ARG B 21 2.95 -6.05 19.47
C ARG B 21 2.20 -6.93 18.49
N ARG B 22 2.00 -6.45 17.24
CA ARG B 22 1.34 -7.27 16.22
C ARG B 22 2.08 -8.58 16.01
N LEU B 23 3.41 -8.48 15.87
CA LEU B 23 4.25 -9.62 15.60
C LEU B 23 4.18 -10.62 16.74
N ARG B 24 4.23 -10.14 17.98
CA ARG B 24 4.15 -11.03 19.14
C ARG B 24 2.79 -11.69 19.21
N ALA B 25 1.72 -10.92 19.04
CA ALA B 25 0.39 -11.53 19.10
C ALA B 25 0.26 -12.64 18.08
N ALA B 26 0.68 -12.38 16.85
CA ALA B 26 0.62 -13.40 15.81
C ALA B 26 1.45 -14.60 16.19
N ALA B 27 2.64 -14.38 16.73
CA ALA B 27 3.50 -15.50 17.08
C ALA B 27 2.86 -16.40 18.13
N GLN B 28 2.06 -15.81 19.03
CA GLN B 28 1.34 -16.61 20.01
C GLN B 28 0.22 -17.43 19.37
N GLN B 29 -0.29 -17.03 18.20
CA GLN B 29 -1.37 -17.75 17.52
C GLN B 29 -0.88 -18.87 16.64
N ALA B 30 0.22 -18.65 15.91
CA ALA B 30 0.72 -19.59 14.91
C ALA B 30 2.21 -19.39 14.71
N PRO B 31 2.92 -20.43 14.34
CA PRO B 31 4.36 -20.28 14.08
C PRO B 31 4.70 -19.66 12.75
N ILE B 32 3.86 -19.86 11.73
CA ILE B 32 4.08 -19.36 10.38
C ILE B 32 2.73 -18.84 9.88
N VAL B 33 2.76 -17.65 9.30
CA VAL B 33 1.56 -17.02 8.77
C VAL B 33 1.88 -16.57 7.37
N PHE B 34 0.83 -16.39 6.58
CA PHE B 34 0.98 -15.83 5.24
C PHE B 34 0.50 -14.39 5.31
N ASP B 35 1.39 -13.45 5.03
CA ASP B 35 0.99 -12.05 5.09
C ASP B 35 0.48 -11.67 3.69
N THR B 36 -0.81 -11.41 3.58
CA THR B 36 -1.41 -11.28 2.25
C THR B 36 -0.89 -10.06 1.54
N ALA B 37 -0.70 -8.98 2.26
CA ALA B 37 -0.30 -7.75 1.58
C ALA B 37 1.18 -7.79 1.26
N PHE B 38 2.00 -8.25 2.21
CA PHE B 38 3.43 -8.36 1.96
C PHE B 38 3.71 -9.47 0.93
N GLY B 39 2.93 -10.54 1.00
CA GLY B 39 2.89 -11.56 -0.04
C GLY B 39 3.79 -12.74 0.14
N MET B 40 4.12 -13.12 1.37
CA MET B 40 4.96 -14.29 1.53
C MET B 40 4.73 -14.91 2.91
N PRO B 41 5.20 -16.13 3.13
CA PRO B 41 5.14 -16.72 4.48
C PRO B 41 6.08 -16.00 5.41
N ILE B 42 5.65 -15.83 6.66
CA ILE B 42 6.45 -15.22 7.70
C ILE B 42 6.66 -16.22 8.84
N LEU B 43 7.91 -16.55 9.12
CA LEU B 43 8.27 -17.36 10.27
C LEU B 43 8.37 -16.49 11.52
N LEU B 44 7.59 -16.83 12.56
CA LEU B 44 7.50 -16.04 13.75
C LEU B 44 8.07 -16.74 14.98
N ARG B 45 8.39 -18.01 14.90
CA ARG B 45 8.67 -18.77 16.11
C ARG B 45 10.18 -18.84 16.32
N LYS B 46 10.60 -18.48 17.54
CA LYS B 46 12.03 -18.35 17.80
C LYS B 46 12.83 -19.60 17.40
N SER B 47 12.32 -20.78 17.75
CA SER B 47 13.07 -22.01 17.47
C SER B 47 13.29 -22.17 15.99
N HIS B 48 12.27 -21.83 15.17
CA HIS B 48 12.38 -21.99 13.71
C HIS B 48 13.36 -20.99 13.14
N ILE B 49 13.30 -19.74 13.61
CA ILE B 49 14.18 -18.69 13.10
C ILE B 49 15.63 -18.98 13.42
N THR B 50 15.90 -19.36 14.67
CA THR B 50 17.26 -19.68 15.08
C THR B 50 17.80 -20.88 14.32
N THR B 51 16.97 -21.92 14.19
CA THR B 51 17.34 -23.04 13.32
C THR B 51 17.62 -22.57 11.90
N ALA B 52 16.73 -21.77 11.32
CA ALA B 52 16.93 -21.33 9.93
C ALA B 52 18.24 -20.55 9.74
N TYR B 53 18.55 -19.64 10.66
CA TYR B 53 19.80 -18.88 10.56
C TYR B 53 21.02 -19.79 10.53
N ARG B 54 20.98 -20.92 11.23
N ARG B 54 20.94 -20.86 11.30
CA ARG B 54 22.17 -21.77 11.36
CA ARG B 54 22.13 -21.71 11.42
C ARG B 54 22.31 -22.72 10.16
C ARG B 54 22.27 -22.66 10.23
N ASP B 55 21.19 -23.29 9.68
CA ASP B 55 21.17 -24.25 8.55
C ASP B 55 21.07 -23.48 7.24
N THR B 56 22.21 -22.93 6.82
CA THR B 56 22.32 -22.17 5.59
C THR B 56 22.16 -23.03 4.35
N ALA B 57 22.35 -24.34 4.50
CA ALA B 57 22.14 -25.29 3.43
C ALA B 57 20.65 -25.43 3.10
N THR B 58 19.80 -25.33 4.10
CA THR B 58 18.38 -25.38 3.86
C THR B 58 17.77 -24.02 3.63
N PHE B 59 18.31 -23.01 4.30
CA PHE B 59 17.78 -21.65 4.30
C PHE B 59 18.92 -20.77 3.77
N SER B 60 18.85 -20.46 2.49
CA SER B 60 19.96 -19.78 1.82
C SER B 60 19.59 -18.33 1.49
N THR B 61 20.56 -17.60 0.96
CA THR B 61 20.34 -16.27 0.47
C THR B 61 20.40 -16.26 -1.05
N ARG B 62 20.23 -17.41 -1.67
CA ARG B 62 20.31 -17.56 -3.11
C ARG B 62 19.24 -16.78 -3.89
N MET B 63 18.18 -16.34 -3.26
CA MET B 63 17.24 -15.54 -4.02
C MET B 63 17.87 -14.21 -4.45
N PHE B 64 18.92 -13.78 -3.76
CA PHE B 64 19.60 -12.56 -4.15
C PHE B 64 20.40 -12.71 -5.43
N GLN B 65 20.65 -13.94 -5.90
CA GLN B 65 21.36 -14.11 -7.17
C GLN B 65 20.51 -13.71 -8.38
N ALA B 66 19.19 -13.51 -8.22
CA ALA B 66 18.32 -13.12 -9.29
C ALA B 66 18.25 -11.62 -9.49
N GLY B 67 18.84 -10.86 -8.59
CA GLY B 67 18.64 -9.42 -8.58
C GLY B 67 19.93 -8.65 -8.46
N ILE B 68 19.83 -7.40 -8.04
CA ILE B 68 20.94 -6.47 -8.17
C ILE B 68 22.08 -6.75 -7.19
N LEU B 69 21.86 -7.57 -6.19
CA LEU B 69 22.93 -7.92 -5.28
C LEU B 69 23.76 -9.07 -5.80
N ASN B 70 23.41 -9.67 -6.93
CA ASN B 70 24.22 -10.76 -7.47
C ASN B 70 25.65 -10.29 -7.72
N GLY B 71 26.63 -11.05 -7.21
CA GLY B 71 28.02 -10.65 -7.27
C GLY B 71 28.51 -10.02 -5.99
N GLY B 72 27.59 -9.57 -5.14
CA GLY B 72 27.95 -9.04 -3.85
C GLY B 72 27.94 -10.10 -2.77
N LEU B 73 28.26 -9.64 -1.55
CA LEU B 73 28.48 -10.54 -0.43
C LEU B 73 27.23 -11.29 -0.04
N ALA B 74 26.08 -10.61 -0.03
CA ALA B 74 24.85 -11.22 0.46
C ALA B 74 24.38 -12.36 -0.42
N ALA B 75 24.74 -12.36 -1.71
CA ALA B 75 24.30 -13.42 -2.59
C ALA B 75 25.21 -14.64 -2.54
N MET B 76 26.35 -14.52 -1.88
CA MET B 76 27.31 -15.60 -1.81
C MET B 76 26.89 -16.60 -0.76
N GLN B 77 27.28 -17.86 -0.96
CA GLN B 77 26.99 -18.97 -0.06
C GLN B 77 28.30 -19.60 0.42
N GLY B 78 28.19 -20.44 1.44
CA GLY B 78 29.27 -21.32 1.81
C GLY B 78 30.61 -20.62 1.96
N ASP B 79 31.65 -21.25 1.39
CA ASP B 79 33.01 -20.78 1.62
C ASP B 79 33.32 -19.51 0.85
N GLU B 80 32.75 -19.33 -0.35
CA GLU B 80 32.93 -18.07 -1.04
C GLU B 80 32.44 -16.95 -0.15
N HIS B 81 31.31 -17.15 0.50
CA HIS B 81 30.76 -16.13 1.40
C HIS B 81 31.71 -15.86 2.58
N ALA B 82 32.16 -16.92 3.25
CA ALA B 82 33.06 -16.70 4.39
C ALA B 82 34.29 -15.89 3.98
N ARG B 83 34.91 -16.22 2.85
CA ARG B 83 36.11 -15.50 2.45
C ARG B 83 35.85 -14.01 2.22
N MET B 84 34.77 -13.68 1.48
CA MET B 84 34.56 -12.25 1.23
C MET B 84 34.07 -11.57 2.50
N ARG B 85 33.37 -12.29 3.35
CA ARG B 85 32.91 -11.77 4.62
C ARG B 85 34.12 -11.37 5.45
N ARG B 86 35.15 -12.19 5.50
CA ARG B 86 36.33 -11.86 6.29
C ARG B 86 36.91 -10.53 5.86
N VAL B 87 36.93 -10.28 4.56
CA VAL B 87 37.46 -9.03 4.01
C VAL B 87 36.61 -7.83 4.42
N TYR B 88 35.30 -7.89 4.18
CA TYR B 88 34.43 -6.81 4.64
C TYR B 88 34.63 -6.53 6.12
N ASN B 89 34.65 -7.57 6.91
CA ASN B 89 34.76 -7.44 8.34
C ASN B 89 35.93 -6.61 8.82
N MET B 90 37.01 -6.64 8.08
CA MET B 90 38.20 -5.91 8.39
C MET B 90 37.93 -4.44 8.56
N PHE B 91 36.96 -3.93 7.84
CA PHE B 91 36.75 -2.50 7.87
C PHE B 91 35.74 -2.08 8.91
N PHE B 92 35.20 -3.02 9.67
CA PHE B 92 34.30 -2.70 10.77
C PHE B 92 34.79 -3.27 12.08
N LEU B 93 36.09 -3.54 12.18
CA LEU B 93 36.72 -4.01 13.40
C LEU B 93 36.74 -2.88 14.44
N PRO B 94 36.74 -3.23 15.73
CA PRO B 94 36.54 -2.18 16.77
C PRO B 94 37.50 -1.00 16.63
N ARG B 95 38.77 -1.31 16.45
CA ARG B 95 39.77 -0.26 16.37
C ARG B 95 39.55 0.62 15.16
N ALA B 96 39.19 0.02 14.05
CA ALA B 96 38.91 0.79 12.85
C ALA B 96 37.65 1.63 13.02
N VAL B 97 36.62 1.08 13.67
CA VAL B 97 35.42 1.88 13.95
C VAL B 97 35.80 3.12 14.72
N SER B 98 36.52 2.93 15.84
CA SER B 98 36.92 4.05 16.68
CA SER B 98 36.91 4.05 16.67
C SER B 98 37.71 5.08 15.89
N GLN B 99 38.41 4.66 14.84
CA GLN B 99 39.13 5.63 14.03
C GLN B 99 38.19 6.47 13.15
N TYR B 100 37.20 5.84 12.53
CA TYR B 100 36.22 6.60 11.78
C TYR B 100 35.52 7.65 12.67
N GLU B 101 35.14 7.23 13.88
CA GLU B 101 34.46 8.14 14.80
C GLU B 101 35.24 9.42 15.02
N GLU B 102 36.50 9.30 15.41
CA GLU B 102 37.25 10.49 15.75
C GLU B 102 37.59 11.29 14.48
N ARG B 103 37.77 10.62 13.34
CA ARG B 103 38.24 11.31 12.15
C ARG B 103 37.13 12.06 11.42
N PHE B 104 35.97 11.43 11.23
CA PHE B 104 34.94 12.17 10.52
C PHE B 104 33.52 12.03 11.06
N VAL B 105 33.11 10.95 11.73
CA VAL B 105 31.73 10.93 12.20
C VAL B 105 31.50 11.98 13.28
N ARG B 106 32.42 12.09 14.24
CA ARG B 106 32.23 13.13 15.25
C ARG B 106 32.26 14.50 14.59
N PRO B 107 33.26 14.86 13.79
CA PRO B 107 33.20 16.15 13.07
C PRO B 107 31.94 16.34 12.23
N ILE B 108 31.55 15.33 11.46
CA ILE B 108 30.38 15.50 10.61
C ILE B 108 29.12 15.73 11.44
N SER B 109 29.01 15.01 12.56
CA SER B 109 27.83 15.10 13.40
C SER B 109 27.66 16.51 13.93
N GLU B 110 28.76 17.11 14.41
CA GLU B 110 28.71 18.47 14.89
C GLU B 110 28.22 19.41 13.80
N GLN B 111 28.76 19.25 12.60
CA GLN B 111 28.36 20.10 11.48
C GLN B 111 26.88 19.92 11.14
N VAL B 112 26.38 18.66 11.10
CA VAL B 112 24.97 18.45 10.76
C VAL B 112 24.10 19.13 11.78
N VAL B 113 24.42 18.94 13.06
CA VAL B 113 23.64 19.52 14.14
C VAL B 113 23.72 21.04 14.11
N ASP B 114 24.91 21.59 13.81
CA ASP B 114 25.09 23.04 13.78
C ASP B 114 24.07 23.68 12.88
N ARG B 115 23.84 23.08 11.73
CA ARG B 115 22.99 23.63 10.70
C ARG B 115 21.50 23.60 11.01
N LEU B 116 21.08 22.94 12.10
CA LEU B 116 19.71 22.99 12.55
C LEU B 116 19.42 24.21 13.39
N ALA B 117 20.44 24.80 13.97
CA ALA B 117 20.26 25.99 14.75
C ALA B 117 19.66 27.07 13.85
N GLY B 118 19.17 28.11 14.47
CA GLY B 118 18.60 29.17 13.70
C GLY B 118 17.28 28.83 13.05
N LYS B 119 16.77 27.61 13.24
CA LYS B 119 15.38 27.33 12.94
C LYS B 119 14.69 26.94 14.24
N PRO B 120 13.48 27.42 14.52
CA PRO B 120 12.83 27.02 15.77
C PRO B 120 12.34 25.58 15.74
N ARG B 121 11.93 25.11 14.56
CA ARG B 121 11.55 23.72 14.38
C ARG B 121 12.06 23.15 13.07
N VAL B 122 12.39 21.87 13.14
CA VAL B 122 12.89 21.09 12.01
C VAL B 122 12.23 19.72 12.05
N ASP B 123 12.45 18.97 11.01
CA ASP B 123 12.02 17.59 10.94
C ASP B 123 13.28 16.76 11.11
N LEU B 124 13.42 16.13 12.27
CA LEU B 124 14.69 15.47 12.47
C LEU B 124 14.87 14.30 11.54
N LEU B 125 13.84 13.88 10.84
CA LEU B 125 13.98 12.77 9.90
C LEU B 125 14.78 13.18 8.68
N GLU B 126 14.28 14.17 7.94
CA GLU B 126 14.98 14.62 6.75
C GLU B 126 16.28 15.33 7.07
N ASP B 127 16.31 16.08 8.16
CA ASP B 127 17.39 17.02 8.40
C ASP B 127 18.45 16.50 9.33
N PHE B 128 18.23 15.32 9.91
CA PHE B 128 19.20 14.74 10.79
C PHE B 128 19.40 13.26 10.51
N ALA B 129 18.35 12.43 10.71
CA ALA B 129 18.51 10.98 10.54
C ALA B 129 18.96 10.61 9.13
N MET B 130 18.51 11.32 8.11
CA MET B 130 19.00 11.06 6.77
C MET B 130 20.27 11.84 6.42
N GLU B 131 20.44 13.04 6.97
CA GLU B 131 21.60 13.86 6.61
C GLU B 131 22.90 13.24 7.06
N LEU B 132 22.98 12.81 8.33
CA LEU B 132 24.24 12.35 8.89
C LEU B 132 24.78 11.11 8.17
N PRO B 133 24.02 10.03 7.98
CA PRO B 133 24.60 8.87 7.32
C PRO B 133 25.03 9.17 5.92
N ARG B 134 24.25 9.98 5.21
CA ARG B 134 24.57 10.36 3.85
C ARG B 134 25.94 11.03 3.79
N ARG B 135 26.16 11.99 4.68
CA ARG B 135 27.44 12.70 4.70
C ARG B 135 28.60 11.82 5.12
N VAL B 136 28.36 10.83 5.98
CA VAL B 136 29.43 9.92 6.36
C VAL B 136 29.87 9.13 5.13
N ILE B 137 28.89 8.65 4.35
CA ILE B 137 29.25 7.88 3.16
C ILE B 137 29.95 8.78 2.15
N GLY B 138 29.49 10.03 2.01
CA GLY B 138 30.22 10.98 1.20
C GLY B 138 31.67 11.05 1.60
N GLU B 139 31.93 11.18 2.91
CA GLU B 139 33.30 11.23 3.42
C GLU B 139 34.05 9.93 3.12
N LEU B 140 33.38 8.78 3.25
CA LEU B 140 34.07 7.52 2.99
C LEU B 140 34.44 7.38 1.53
N PHE B 141 33.62 7.93 0.63
CA PHE B 141 33.86 7.81 -0.80
C PHE B 141 34.76 8.92 -1.31
N GLY B 142 34.87 10.03 -0.59
CA GLY B 142 35.52 11.22 -1.10
C GLY B 142 34.65 11.82 -2.19
N PHE B 143 33.34 11.89 -1.93
CA PHE B 143 32.32 12.12 -2.93
C PHE B 143 31.22 12.98 -2.32
N PRO B 144 30.60 13.85 -3.11
CA PRO B 144 29.75 14.90 -2.51
C PRO B 144 28.45 14.33 -1.96
N ALA B 145 28.17 14.61 -0.69
CA ALA B 145 26.92 14.12 -0.11
C ALA B 145 25.72 14.58 -0.94
N GLU B 146 25.75 15.80 -1.47
CA GLU B 146 24.58 16.25 -2.22
C GLU B 146 24.38 15.46 -3.50
N LYS B 147 25.43 14.88 -4.04
CA LYS B 147 25.23 13.98 -5.17
C LYS B 147 24.60 12.65 -4.73
N LEU B 148 24.92 12.13 -3.54
CA LEU B 148 24.21 10.95 -3.05
C LEU B 148 22.74 11.27 -2.78
N HIS B 149 22.47 12.48 -2.28
CA HIS B 149 21.09 12.87 -2.01
C HIS B 149 20.20 12.71 -3.24
N GLU B 150 20.75 12.97 -4.42
CA GLU B 150 19.95 12.85 -5.64
C GLU B 150 19.55 11.42 -5.95
N THR B 151 20.18 10.42 -5.37
CA THR B 151 19.86 9.04 -5.70
C THR B 151 18.73 8.47 -4.86
N ASP B 152 18.13 9.24 -3.94
CA ASP B 152 17.17 8.70 -2.99
C ASP B 152 16.08 7.88 -3.66
N GLU B 153 15.46 8.41 -4.72
CA GLU B 153 14.39 7.65 -5.36
C GLU B 153 14.93 6.33 -5.90
N ARG B 154 16.11 6.38 -6.50
CA ARG B 154 16.72 5.17 -7.02
C ARG B 154 17.09 4.22 -5.88
N VAL B 155 17.67 4.74 -4.81
CA VAL B 155 18.09 3.86 -3.71
C VAL B 155 16.91 3.07 -3.17
N ARG B 156 15.78 3.73 -2.92
CA ARG B 156 14.60 3.05 -2.38
C ARG B 156 13.96 2.12 -3.39
N ALA B 157 13.95 2.49 -4.67
CA ALA B 157 13.52 1.55 -5.72
C ALA B 157 14.39 0.30 -5.73
N MET B 158 15.71 0.48 -5.60
CA MET B 158 16.60 -0.67 -5.52
C MET B 158 16.20 -1.58 -4.35
N LEU B 159 15.98 -1.00 -3.17
CA LEU B 159 15.69 -1.81 -1.98
C LEU B 159 14.33 -2.49 -2.10
N ARG B 160 13.32 -1.83 -2.66
CA ARG B 160 12.02 -2.47 -2.74
C ARG B 160 12.05 -3.76 -3.55
N GLY B 161 12.91 -3.85 -4.57
CA GLY B 161 13.01 -5.08 -5.34
C GLY B 161 13.73 -6.20 -4.63
N LEU B 162 14.45 -5.87 -3.57
CA LEU B 162 15.18 -6.83 -2.76
C LEU B 162 14.33 -7.45 -1.67
N VAL B 163 13.20 -6.85 -1.35
CA VAL B 163 12.38 -7.34 -0.28
C VAL B 163 11.25 -8.21 -0.78
N ARG B 164 10.50 -7.74 -1.78
CA ARG B 164 9.38 -8.47 -2.37
C ARG B 164 9.79 -8.99 -3.76
N MET B 165 10.60 -10.06 -3.75
CA MET B 165 11.17 -10.59 -4.99
C MET B 165 10.17 -11.38 -5.81
N HIS B 166 9.04 -11.76 -5.21
CA HIS B 166 7.98 -12.39 -5.98
C HIS B 166 7.20 -11.39 -6.82
N ASP B 167 7.51 -10.09 -6.72
CA ASP B 167 6.85 -9.04 -7.50
C ASP B 167 7.75 -8.65 -8.67
N PRO B 168 7.42 -9.06 -9.90
CA PRO B 168 8.31 -8.78 -11.05
C PRO B 168 8.50 -7.32 -11.34
N ALA B 169 7.45 -6.52 -11.12
CA ALA B 169 7.52 -5.09 -11.37
C ALA B 169 8.51 -4.44 -10.41
N ALA B 170 8.42 -4.81 -9.14
CA ALA B 170 9.34 -4.29 -8.17
C ALA B 170 10.75 -4.71 -8.52
N VAL B 171 10.93 -5.98 -8.90
CA VAL B 171 12.26 -6.43 -9.31
C VAL B 171 12.77 -5.61 -10.49
N ALA B 172 11.95 -5.44 -11.53
CA ALA B 172 12.44 -4.69 -12.71
C ALA B 172 12.76 -3.26 -12.33
N GLU B 173 11.93 -2.65 -11.49
CA GLU B 173 12.23 -1.30 -11.07
C GLU B 173 13.52 -1.22 -10.29
N SER B 174 13.82 -2.25 -9.51
CA SER B 174 15.08 -2.27 -8.79
C SER B 174 16.26 -2.32 -9.76
N GLN B 175 16.16 -3.19 -10.75
CA GLN B 175 17.21 -3.29 -11.77
C GLN B 175 17.33 -2.00 -12.54
N ARG B 176 16.19 -1.38 -12.88
CA ARG B 176 16.19 -0.07 -13.56
C ARG B 176 16.92 0.97 -12.72
N ALA B 177 16.59 1.05 -11.43
CA ALA B 177 17.25 2.05 -10.60
C ALA B 177 18.74 1.78 -10.49
N TYR B 178 19.11 0.52 -10.37
CA TYR B 178 20.53 0.20 -10.30
C TYR B 178 21.24 0.65 -11.58
N GLY B 179 20.62 0.43 -12.74
CA GLY B 179 21.24 0.85 -14.00
C GLY B 179 21.43 2.35 -14.09
N GLU B 180 20.47 3.12 -13.56
CA GLU B 180 20.56 4.58 -13.49
C GLU B 180 21.53 5.08 -12.43
N THR B 181 22.05 4.20 -11.61
CA THR B 181 23.05 4.54 -10.61
C THR B 181 24.42 4.00 -10.98
N LEU B 182 24.51 3.16 -12.00
CA LEU B 182 25.79 2.56 -12.30
C LEU B 182 26.82 3.59 -12.74
N GLY B 183 26.39 4.62 -13.45
CA GLY B 183 27.31 5.69 -13.83
C GLY B 183 28.02 6.31 -12.63
N LEU B 184 27.25 6.74 -11.63
CA LEU B 184 27.82 7.26 -10.41
C LEU B 184 28.73 6.24 -9.74
N ILE B 185 28.26 5.01 -9.57
CA ILE B 185 29.07 4.02 -8.86
C ILE B 185 30.39 3.81 -9.58
N THR B 186 30.33 3.75 -10.91
CA THR B 186 31.57 3.53 -11.68
C THR B 186 32.52 4.70 -11.53
N GLU B 187 32.00 5.91 -11.45
CA GLU B 187 32.88 7.05 -11.25
C GLU B 187 33.55 6.97 -9.88
N VAL B 188 32.76 6.61 -8.87
CA VAL B 188 33.33 6.49 -7.53
C VAL B 188 34.45 5.44 -7.53
N VAL B 189 34.20 4.27 -8.12
CA VAL B 189 35.23 3.24 -8.13
C VAL B 189 36.48 3.76 -8.84
N GLU B 190 36.30 4.34 -10.02
CA GLU B 190 37.43 4.81 -10.83
C GLU B 190 38.28 5.83 -10.08
N ARG B 191 37.64 6.85 -9.48
CA ARG B 191 38.37 7.88 -8.74
C ARG B 191 39.17 7.32 -7.58
N GLU B 192 38.61 6.35 -6.86
CA GLU B 192 39.24 5.84 -5.66
C GLU B 192 40.07 4.60 -5.91
N SER B 193 40.05 4.07 -7.14
CA SER B 193 40.90 2.92 -7.48
C SER B 193 42.29 3.37 -7.92
N ARG B 194 42.60 4.66 -7.74
CA ARG B 194 43.91 5.21 -8.03
C ARG B 194 44.88 5.00 -6.87
N ASP B 195 46.18 5.12 -7.20
CA ASP B 195 47.22 5.02 -6.19
C ASP B 195 47.28 6.30 -5.36
N THR B 196 46.72 7.38 -5.90
CA THR B 196 46.57 8.64 -5.19
C THR B 196 45.44 8.60 -4.18
N SER B 197 44.64 7.54 -4.13
CA SER B 197 43.46 7.53 -3.27
C SER B 197 43.86 7.58 -1.81
N ASP B 198 43.19 8.48 -1.08
CA ASP B 198 43.41 8.70 0.35
C ASP B 198 42.14 8.48 1.16
N THR B 199 41.18 7.74 0.63
CA THR B 199 39.90 7.53 1.27
C THR B 199 39.78 6.11 1.81
N LEU B 200 38.87 5.95 2.75
CA LEU B 200 38.60 4.61 3.23
C LEU B 200 38.23 3.70 2.08
N LEU B 201 37.38 4.18 1.19
CA LEU B 201 37.00 3.37 0.05
C LEU B 201 38.22 2.96 -0.77
N GLY B 202 39.12 3.92 -1.02
CA GLY B 202 40.35 3.58 -1.72
C GLY B 202 41.12 2.51 -0.99
N GLU B 203 41.14 2.59 0.33
CA GLU B 203 41.78 1.54 1.10
C GLU B 203 41.07 0.22 0.89
N ILE B 204 39.74 0.25 0.85
CA ILE B 204 38.99 -1.00 0.68
C ILE B 204 39.34 -1.64 -0.66
N LEU B 205 39.40 -0.85 -1.72
CA LEU B 205 39.68 -1.44 -3.03
C LEU B 205 41.07 -2.05 -3.07
N ARG B 206 42.03 -1.41 -2.40
CA ARG B 206 43.38 -1.95 -2.28
C ARG B 206 43.38 -3.30 -1.61
N THR B 207 42.64 -3.41 -0.49
CA THR B 207 42.62 -4.65 0.28
C THR B 207 42.02 -5.78 -0.51
N LEU B 208 40.96 -5.48 -1.24
CA LEU B 208 40.44 -6.43 -2.20
C LEU B 208 41.48 -6.80 -3.23
N LYS B 209 42.37 -5.87 -3.59
CA LYS B 209 43.43 -6.22 -4.52
C LYS B 209 44.37 -7.23 -3.88
N ALA B 210 44.85 -6.92 -2.68
CA ALA B 210 45.77 -7.77 -1.94
C ALA B 210 45.29 -9.20 -1.76
N GLU B 211 43.97 -9.42 -1.80
CA GLU B 211 43.38 -10.73 -1.61
C GLU B 211 42.90 -11.38 -2.91
N HIS B 212 43.25 -10.81 -4.07
CA HIS B 212 42.82 -11.36 -5.37
C HIS B 212 41.30 -11.57 -5.38
N MET B 213 40.61 -10.56 -4.87
CA MET B 213 39.17 -10.45 -4.88
C MET B 213 38.72 -9.11 -5.44
N ASP B 214 39.66 -8.31 -5.97
CA ASP B 214 39.40 -6.98 -6.49
C ASP B 214 38.90 -7.06 -7.94
N THR B 215 37.78 -7.72 -8.11
CA THR B 215 37.14 -7.70 -9.40
C THR B 215 36.34 -6.41 -9.55
N ILE B 216 35.84 -6.17 -10.77
CA ILE B 216 35.10 -4.94 -10.95
C ILE B 216 33.72 -5.07 -10.30
N GLU B 217 33.10 -6.25 -10.43
CA GLU B 217 31.87 -6.50 -9.68
C GLU B 217 32.06 -6.32 -8.18
N ALA B 218 33.16 -6.85 -7.63
CA ALA B 218 33.39 -6.69 -6.20
C ALA B 218 33.41 -5.22 -5.80
N SER B 219 34.06 -4.39 -6.60
CA SER B 219 34.14 -2.96 -6.28
C SER B 219 32.77 -2.32 -6.35
N ARG B 220 31.99 -2.65 -7.38
CA ARG B 220 30.67 -2.08 -7.48
C ARG B 220 29.80 -2.51 -6.31
N GLN B 221 29.91 -3.75 -5.90
CA GLN B 221 29.08 -4.23 -4.84
C GLN B 221 29.40 -3.65 -3.49
N ILE B 222 30.66 -3.39 -3.20
CA ILE B 222 31.02 -2.75 -1.95
C ILE B 222 30.40 -1.37 -1.92
N VAL B 223 30.53 -0.66 -3.02
CA VAL B 223 29.98 0.68 -3.11
C VAL B 223 28.44 0.63 -2.96
N LEU B 224 27.81 -0.27 -3.66
CA LEU B 224 26.37 -0.42 -3.52
C LEU B 224 26.00 -0.73 -2.08
N SER B 225 26.77 -1.60 -1.38
CA SER B 225 26.38 -1.95 -0.01
C SER B 225 26.55 -0.75 0.92
N LEU B 226 27.57 0.06 0.69
CA LEU B 226 27.74 1.26 1.49
C LEU B 226 26.64 2.29 1.24
N ILE B 227 26.08 2.31 0.04
CA ILE B 227 24.96 3.21 -0.18
C ILE B 227 23.67 2.66 0.45
N LEU B 228 23.30 1.43 0.12
CA LEU B 228 22.04 0.91 0.61
C LEU B 228 22.04 0.69 2.12
N GLY B 229 23.15 0.19 2.65
CA GLY B 229 23.27 -0.08 4.09
C GLY B 229 23.76 1.14 4.83
N GLY B 230 24.92 1.68 4.41
CA GLY B 230 25.56 2.77 5.15
C GLY B 230 24.77 4.07 5.16
N TYR B 231 24.02 4.34 4.11
CA TYR B 231 23.20 5.53 4.07
C TYR B 231 21.72 5.25 4.35
N GLU B 232 21.02 4.62 3.42
CA GLU B 232 19.56 4.51 3.58
C GLU B 232 19.19 3.72 4.83
N THR B 233 19.70 2.51 4.97
CA THR B 233 19.22 1.68 6.09
C THR B 233 19.63 2.28 7.45
N THR B 234 20.82 2.84 7.55
CA THR B 234 21.25 3.45 8.81
C THR B 234 20.36 4.61 9.22
N SER B 235 19.80 5.34 8.23
CA SER B 235 18.97 6.51 8.55
C SER B 235 17.81 6.11 9.43
N TRP B 236 17.19 4.98 9.14
CA TRP B 236 16.00 4.59 9.88
C TRP B 236 16.36 4.15 11.30
N LEU B 237 17.52 3.53 11.49
CA LEU B 237 17.95 3.26 12.85
C LEU B 237 18.03 4.55 13.65
N VAL B 238 18.69 5.56 13.09
CA VAL B 238 18.80 6.84 13.79
C VAL B 238 17.42 7.43 14.04
N ALA B 239 16.56 7.36 13.02
CA ALA B 239 15.22 7.90 13.15
C ALA B 239 14.44 7.26 14.28
N ASN B 240 14.43 5.93 14.33
CA ASN B 240 13.63 5.26 15.38
C ASN B 240 14.18 5.51 16.77
N THR B 241 15.51 5.59 16.89
CA THR B 241 16.12 5.89 18.17
C THR B 241 15.72 7.29 18.66
N ILE B 242 15.78 8.28 17.78
CA ILE B 242 15.41 9.64 18.17
C ILE B 242 13.95 9.67 18.60
N HIS B 243 13.08 9.00 17.85
CA HIS B 243 11.68 8.94 18.25
C HIS B 243 11.51 8.31 19.63
N ALA B 244 12.16 7.18 19.87
CA ALA B 244 12.05 6.58 21.20
C ALA B 244 12.43 7.57 22.30
N LEU B 245 13.51 8.33 22.08
CA LEU B 245 13.86 9.31 23.10
C LEU B 245 12.84 10.44 23.16
N LEU B 246 12.42 10.98 22.02
CA LEU B 246 11.48 12.10 22.04
C LEU B 246 10.17 11.70 22.72
N ALA B 247 9.75 10.46 22.51
CA ALA B 247 8.51 9.97 23.10
C ALA B 247 8.65 9.70 24.58
N HIS B 248 9.86 9.77 25.12
CA HIS B 248 10.14 9.43 26.51
C HIS B 248 11.04 10.52 27.07
N PRO B 249 10.48 11.72 27.26
CA PRO B 249 11.31 12.88 27.60
C PRO B 249 12.12 12.72 28.88
N ASP B 250 11.62 12.01 29.89
CA ASP B 250 12.44 11.75 31.07
C ASP B 250 13.70 10.98 30.69
N THR B 251 13.56 9.97 29.83
CA THR B 251 14.73 9.23 29.37
C THR B 251 15.63 10.08 28.49
N LEU B 252 15.07 10.90 27.61
CA LEU B 252 15.93 11.75 26.81
C LEU B 252 16.79 12.65 27.70
N ALA B 253 16.17 13.24 28.73
CA ALA B 253 16.89 14.06 29.68
C ALA B 253 18.06 13.30 30.32
N ARG B 254 17.80 12.07 30.77
CA ARG B 254 18.85 11.29 31.41
C ARG B 254 19.99 11.04 30.43
N VAL B 255 19.65 10.72 29.18
CA VAL B 255 20.67 10.42 28.20
C VAL B 255 21.45 11.66 27.86
N ARG B 256 20.79 12.83 27.85
CA ARG B 256 21.57 14.04 27.60
C ARG B 256 22.56 14.28 28.73
N GLN B 257 22.12 14.08 29.98
CA GLN B 257 22.97 14.36 31.14
C GLN B 257 24.10 13.35 31.24
N ASP B 258 23.86 12.14 30.78
CA ASP B 258 24.88 11.10 30.81
C ASP B 258 24.93 10.39 29.46
N PRO B 259 25.69 10.91 28.50
CA PRO B 259 25.76 10.28 27.18
C PRO B 259 26.35 8.89 27.18
N SER B 260 26.85 8.38 28.32
CA SER B 260 27.27 6.99 28.34
C SER B 260 26.09 6.05 28.25
N LEU B 261 24.88 6.53 28.50
CA LEU B 261 23.67 5.75 28.35
C LEU B 261 23.25 5.52 26.89
N LEU B 262 23.89 6.18 25.93
CA LEU B 262 23.41 6.10 24.54
C LEU B 262 23.43 4.71 23.93
N PRO B 263 24.47 3.92 24.11
CA PRO B 263 24.45 2.56 23.56
C PRO B 263 23.25 1.78 24.04
N ALA B 264 22.85 1.94 25.32
CA ALA B 264 21.68 1.25 25.79
C ALA B 264 20.41 1.85 25.16
N ALA B 265 20.36 3.16 24.97
CA ALA B 265 19.20 3.76 24.31
C ALA B 265 19.03 3.19 22.91
N ILE B 266 20.15 2.93 22.21
CA ILE B 266 20.11 2.40 20.85
C ILE B 266 19.68 0.94 20.82
N GLU B 267 20.28 0.10 21.67
CA GLU B 267 19.89 -1.32 21.69
C GLU B 267 18.44 -1.49 22.11
N GLU B 268 18.04 -0.79 23.17
CA GLU B 268 16.64 -0.86 23.59
C GLU B 268 15.74 -0.31 22.50
N GLY B 269 16.20 0.73 21.78
CA GLY B 269 15.42 1.24 20.65
C GLY B 269 15.20 0.21 19.54
N MET B 270 16.22 -0.61 19.27
CA MET B 270 16.09 -1.70 18.28
C MET B 270 15.09 -2.77 18.71
N ARG B 271 14.94 -2.97 20.03
CA ARG B 271 13.91 -3.89 20.50
C ARG B 271 12.53 -3.24 20.45
N TRP B 272 12.42 -2.02 20.99
CA TRP B 272 11.13 -1.39 21.22
C TRP B 272 10.51 -0.94 19.89
N CYS B 273 11.35 -0.43 19.01
CA CYS B 273 10.93 0.10 17.70
C CYS B 273 11.90 -0.32 16.61
N PRO B 274 11.87 -1.60 16.20
CA PRO B 274 12.81 -2.09 15.18
C PRO B 274 12.56 -1.38 13.87
N SER B 275 13.64 -1.12 13.12
CA SER B 275 13.51 -0.47 11.83
C SER B 275 13.43 -1.45 10.65
N ILE B 276 13.68 -2.76 10.85
CA ILE B 276 13.57 -3.72 9.76
C ILE B 276 12.27 -4.52 9.89
N PHE B 277 11.86 -5.14 8.79
CA PHE B 277 10.67 -5.98 8.74
C PHE B 277 11.00 -7.41 9.14
N GLY B 278 12.23 -7.83 8.86
CA GLY B 278 12.82 -9.11 9.11
C GLY B 278 13.96 -9.36 8.12
N VAL B 279 14.16 -10.62 7.76
CA VAL B 279 15.25 -11.01 6.89
C VAL B 279 14.65 -12.03 5.93
N LEU B 280 15.23 -12.17 4.75
CA LEU B 280 14.71 -13.06 3.73
C LEU B 280 15.60 -14.28 3.59
N ARG B 281 14.98 -15.44 3.38
CA ARG B 281 15.72 -16.65 3.04
C ARG B 281 14.95 -17.42 2.00
N MET B 282 15.72 -18.22 1.27
CA MET B 282 15.20 -19.17 0.29
C MET B 282 15.28 -20.61 0.85
N VAL B 283 14.13 -21.26 0.92
CA VAL B 283 14.05 -22.67 1.30
C VAL B 283 14.61 -23.49 0.12
N GLU B 284 15.71 -24.20 0.36
CA GLU B 284 16.38 -24.93 -0.73
C GLU B 284 15.91 -26.38 -0.87
N ARG B 285 15.17 -26.91 0.10
CA ARG B 285 14.61 -28.25 0.04
C ARG B 285 13.33 -28.29 0.87
N ASP B 286 12.44 -29.19 0.51
CA ASP B 286 11.26 -29.42 1.33
C ASP B 286 11.76 -29.60 2.76
N VAL B 287 11.14 -28.90 3.72
CA VAL B 287 11.59 -28.99 5.10
C VAL B 287 10.36 -28.95 6.00
N ARG B 288 10.48 -29.56 7.16
CA ARG B 288 9.40 -29.50 8.14
C ARG B 288 9.93 -28.86 9.40
N LEU B 289 9.15 -27.97 9.98
CA LEU B 289 9.53 -27.25 11.20
C LEU B 289 8.41 -27.58 12.18
N ASP B 290 8.66 -28.54 13.08
CA ASP B 290 7.62 -29.08 13.96
C ASP B 290 6.51 -29.57 13.04
N ASP B 291 5.28 -29.12 13.23
CA ASP B 291 4.08 -29.42 12.45
C ASP B 291 4.01 -28.67 11.13
N GLN B 292 4.93 -27.75 10.85
CA GLN B 292 4.85 -26.91 9.67
C GLN B 292 5.71 -27.44 8.54
N ALA B 293 5.22 -27.27 7.32
CA ALA B 293 5.99 -27.63 6.15
C ALA B 293 6.21 -26.41 5.26
N LEU B 294 7.44 -26.28 4.78
CA LEU B 294 7.81 -25.30 3.78
C LEU B 294 8.26 -26.05 2.56
N SER B 295 7.91 -25.56 1.38
CA SER B 295 8.30 -26.26 0.17
C SER B 295 9.52 -25.62 -0.44
N ALA B 296 10.32 -26.45 -1.10
CA ALA B 296 11.54 -26.01 -1.74
C ALA B 296 11.23 -24.90 -2.74
N GLY B 297 12.05 -23.87 -2.77
CA GLY B 297 11.80 -22.76 -3.69
C GLY B 297 10.99 -21.62 -3.11
N THR B 298 10.52 -21.76 -1.89
CA THR B 298 9.75 -20.70 -1.26
C THR B 298 10.69 -19.67 -0.65
N VAL B 299 10.49 -18.36 -0.98
CA VAL B 299 11.17 -17.29 -0.26
C VAL B 299 10.29 -16.97 0.95
N VAL B 300 10.91 -16.89 2.12
CA VAL B 300 10.18 -16.67 3.36
C VAL B 300 10.84 -15.50 4.07
N CYS B 301 10.08 -14.90 4.98
CA CYS B 301 10.58 -13.88 5.86
C CYS B 301 10.82 -14.50 7.24
N LEU B 302 12.03 -14.36 7.76
CA LEU B 302 12.33 -14.68 9.16
C LEU B 302 12.12 -13.42 9.98
N ALA B 303 11.10 -13.42 10.81
CA ALA B 303 10.80 -12.21 11.56
C ALA B 303 11.32 -12.36 12.99
N GLY B 304 12.66 -12.30 13.10
CA GLY B 304 13.28 -12.42 14.41
C GLY B 304 12.82 -11.35 15.36
N ILE B 305 12.37 -10.21 14.84
CA ILE B 305 11.85 -9.14 15.68
C ILE B 305 10.52 -9.51 16.32
N ALA B 306 9.91 -10.64 15.97
CA ALA B 306 8.77 -11.09 16.77
C ALA B 306 9.18 -11.42 18.21
N GLY B 307 10.45 -11.65 18.46
CA GLY B 307 10.89 -11.90 19.81
C GLY B 307 11.09 -10.66 20.65
N ASN B 308 11.04 -9.49 20.01
CA ASN B 308 11.30 -8.25 20.74
C ASN B 308 10.27 -8.00 21.80
N TYR B 309 9.04 -8.46 21.59
CA TYR B 309 7.92 -8.23 22.49
C TYR B 309 7.52 -9.51 23.20
N ASP B 310 8.40 -10.50 23.20
CA ASP B 310 8.18 -11.71 24.01
C ASP B 310 8.40 -11.32 25.44
N GLU B 311 7.29 -11.15 26.16
CA GLU B 311 7.28 -10.69 27.55
C GLU B 311 8.01 -11.65 28.48
N THR B 312 8.17 -12.92 28.10
CA THR B 312 8.94 -13.84 28.95
C THR B 312 10.42 -13.46 28.95
N ALA B 313 10.86 -12.78 27.91
CA ALA B 313 12.23 -12.34 27.77
C ALA B 313 12.41 -10.90 28.23
N TYR B 314 11.41 -10.07 27.94
CA TYR B 314 11.48 -8.64 28.16
C TYR B 314 10.16 -8.21 28.77
N PRO B 315 10.04 -8.23 30.09
CA PRO B 315 8.74 -7.94 30.70
C PRO B 315 8.36 -6.50 30.43
N SER B 316 7.05 -6.25 30.42
CA SER B 316 6.49 -4.98 29.99
C SER B 316 7.14 -4.53 28.68
N PRO B 317 7.04 -5.36 27.63
CA PRO B 317 7.81 -5.05 26.41
C PRO B 317 7.38 -3.78 25.71
N GLU B 318 6.16 -3.32 25.93
CA GLU B 318 5.76 -2.03 25.35
C GLU B 318 6.44 -0.85 26.02
N VAL B 319 7.17 -1.07 27.10
CA VAL B 319 7.88 0.01 27.77
C VAL B 319 9.28 0.16 27.20
N TYR B 320 9.62 1.40 26.86
CA TYR B 320 10.96 1.78 26.42
C TYR B 320 11.79 1.97 27.67
N ASP B 321 12.58 0.98 28.01
CA ASP B 321 13.32 0.97 29.26
C ASP B 321 14.79 0.80 28.97
N ILE B 322 15.54 1.89 28.95
CA ILE B 322 16.96 1.80 28.64
C ILE B 322 17.77 1.12 29.72
N ASP B 323 17.17 0.81 30.88
CA ASP B 323 17.91 0.18 31.97
C ASP B 323 17.83 -1.34 31.92
N ARG B 324 17.17 -1.94 30.93
CA ARG B 324 17.10 -3.39 30.86
C ARG B 324 18.51 -3.97 30.84
N LYS B 325 18.73 -5.02 31.63
CA LYS B 325 20.01 -5.71 31.67
C LYS B 325 19.84 -7.22 31.89
N PRO B 326 20.59 -8.05 31.15
CA PRO B 326 21.44 -7.61 30.04
C PRO B 326 20.65 -6.94 28.92
N LEU B 327 21.30 -6.16 28.08
CA LEU B 327 20.60 -5.44 27.02
C LEU B 327 20.00 -6.43 26.02
N PRO B 328 18.84 -6.11 25.44
CA PRO B 328 18.21 -7.08 24.55
C PRO B 328 19.09 -7.35 23.36
N ALA B 329 19.17 -8.62 22.96
CA ALA B 329 19.98 -8.95 21.79
C ALA B 329 19.26 -8.44 20.54
N ALA B 330 19.99 -7.70 19.71
CA ALA B 330 19.40 -7.07 18.55
C ALA B 330 18.99 -8.11 17.54
N ASN B 331 17.81 -7.93 16.97
CA ASN B 331 17.31 -8.77 15.91
C ASN B 331 17.20 -8.05 14.57
N VAL B 332 17.60 -6.77 14.50
CA VAL B 332 17.45 -6.01 13.25
C VAL B 332 18.61 -6.22 12.32
N PHE B 333 19.59 -7.04 12.66
CA PHE B 333 20.75 -7.25 11.82
C PHE B 333 20.79 -8.66 11.25
N GLY B 334 19.72 -9.42 11.38
CA GLY B 334 19.74 -10.79 10.89
C GLY B 334 20.43 -11.74 11.88
N GLY B 335 21.10 -12.77 11.36
CA GLY B 335 21.65 -13.79 12.22
C GLY B 335 22.45 -14.78 11.42
N GLY B 336 23.13 -15.65 12.15
CA GLY B 336 23.96 -16.62 11.47
C GLY B 336 25.06 -15.93 10.69
N ALA B 337 25.46 -16.61 9.62
CA ALA B 337 26.65 -16.19 8.88
C ALA B 337 26.43 -14.88 8.15
N HIS B 338 25.18 -14.56 7.85
CA HIS B 338 24.92 -13.36 7.08
C HIS B 338 24.66 -12.14 7.97
N PHE B 339 24.70 -12.29 9.30
CA PHE B 339 24.50 -11.17 10.23
C PHE B 339 25.24 -9.93 9.74
N CYS B 340 24.55 -8.80 9.73
CA CYS B 340 25.07 -7.56 9.21
C CYS B 340 26.49 -7.21 9.57
N VAL B 341 27.32 -7.19 8.56
CA VAL B 341 28.73 -6.85 8.71
C VAL B 341 28.98 -5.37 9.03
N GLY B 342 28.04 -4.52 8.67
CA GLY B 342 28.17 -3.11 8.93
C GLY B 342 27.63 -2.57 10.24
N ALA B 343 27.06 -3.44 11.02
CA ALA B 343 26.45 -3.07 12.27
C ALA B 343 27.30 -2.18 13.15
N PRO B 344 28.59 -2.46 13.22
CA PRO B 344 29.39 -1.58 14.08
C PRO B 344 29.42 -0.13 13.63
N LEU B 345 29.43 0.11 12.32
CA LEU B 345 29.41 1.49 11.82
C LEU B 345 28.05 2.14 12.09
N ALA B 346 26.97 1.42 11.83
CA ALA B 346 25.65 1.97 12.12
C ALA B 346 25.48 2.29 13.60
N ARG B 347 25.89 1.41 14.48
CA ARG B 347 25.78 1.64 15.89
C ARG B 347 26.57 2.86 16.31
N MET B 348 27.79 2.98 15.82
CA MET B 348 28.63 4.12 16.14
C MET B 348 28.02 5.43 15.59
N GLU B 349 27.51 5.41 14.36
CA GLU B 349 26.91 6.63 13.85
C GLU B 349 25.74 7.08 14.68
N ALA B 350 24.85 6.16 15.03
CA ALA B 350 23.72 6.53 15.87
C ALA B 350 24.20 7.16 17.18
N ARG B 351 25.20 6.55 17.84
CA ARG B 351 25.67 7.03 19.13
C ARG B 351 26.26 8.43 19.00
N VAL B 352 27.14 8.60 18.02
CA VAL B 352 27.85 9.88 17.85
C VAL B 352 26.91 10.98 17.35
N GLY B 353 26.02 10.68 16.40
CA GLY B 353 25.09 11.71 15.94
C GLY B 353 24.14 12.16 17.02
N LEU B 354 23.59 11.21 17.78
CA LEU B 354 22.69 11.57 18.86
C LEU B 354 23.41 12.33 19.96
N GLN B 355 24.66 11.93 20.28
CA GLN B 355 25.45 12.65 21.27
C GLN B 355 25.57 14.12 20.89
N ALA B 356 25.85 14.38 19.63
CA ALA B 356 26.04 15.75 19.18
C ALA B 356 24.71 16.51 19.20
N LEU B 357 23.61 15.83 18.84
CA LEU B 357 22.28 16.44 18.81
C LEU B 357 21.82 16.84 20.21
N LEU B 358 21.90 15.90 21.15
CA LEU B 358 21.39 16.15 22.49
C LEU B 358 22.20 17.23 23.19
N ALA B 359 23.50 17.29 22.92
CA ALA B 359 24.36 18.29 23.56
C ALA B 359 24.10 19.69 23.01
N ARG B 360 23.91 19.80 21.72
CA ARG B 360 23.72 21.11 21.09
C ARG B 360 22.37 21.73 21.42
N PHE B 361 21.33 20.90 21.64
CA PHE B 361 19.96 21.37 21.85
C PHE B 361 19.38 20.80 23.13
N PRO B 362 19.71 21.39 24.28
CA PRO B 362 19.05 20.98 25.52
C PRO B 362 17.53 21.19 25.54
N GLY B 363 16.97 22.05 24.71
CA GLY B 363 15.53 22.23 24.65
C GLY B 363 14.77 21.31 23.70
N LEU B 364 15.44 20.35 23.08
CA LEU B 364 14.82 19.50 22.07
C LEU B 364 13.55 18.80 22.55
N ARG B 365 12.47 18.91 21.78
CA ARG B 365 11.27 18.20 22.16
C ARG B 365 10.38 18.02 20.94
N ALA B 366 9.56 17.01 20.97
CA ALA B 366 8.66 16.76 19.87
C ALA B 366 7.62 17.88 19.81
N VAL B 367 7.14 18.17 18.60
CA VAL B 367 6.10 19.16 18.42
C VAL B 367 4.81 18.57 19.00
N PRO B 368 4.15 19.22 19.95
CA PRO B 368 3.11 18.53 20.73
C PRO B 368 2.03 17.85 19.91
N GLU B 369 1.48 18.46 18.89
CA GLU B 369 0.35 17.82 18.23
C GLU B 369 0.54 17.62 16.71
N GLU B 370 1.75 17.35 16.23
CA GLU B 370 1.89 16.63 14.97
C GLU B 370 2.65 15.36 15.30
N ARG B 371 1.92 14.30 15.40
CA ARG B 371 2.42 13.06 15.93
C ARG B 371 2.91 12.20 14.78
N PRO B 372 4.12 11.64 14.85
CA PRO B 372 4.58 10.75 13.77
C PRO B 372 3.68 9.53 13.64
N SER B 373 3.52 9.06 12.39
CA SER B 373 2.84 7.80 12.08
C SER B 373 3.89 6.78 11.65
N PHE B 374 3.79 5.58 12.18
CA PHE B 374 4.74 4.51 11.94
C PHE B 374 4.12 3.48 11.03
N MET B 375 4.88 3.08 10.01
CA MET B 375 4.46 1.95 9.19
C MET B 375 5.63 1.38 8.40
N TYR B 376 5.57 0.07 8.14
CA TYR B 376 6.44 -0.48 7.14
C TYR B 376 6.28 0.28 5.86
N GLY B 377 7.39 0.64 5.21
CA GLY B 377 7.24 1.34 3.94
C GLY B 377 7.23 2.85 3.99
N ALA B 378 7.59 3.43 5.14
CA ALA B 378 7.66 4.87 5.30
C ALA B 378 8.48 5.52 4.20
N LYS B 379 7.90 6.55 3.59
CA LYS B 379 8.59 7.32 2.55
C LYS B 379 9.12 6.43 1.45
N ASP B 380 8.35 5.39 1.11
CA ASP B 380 8.65 4.45 0.02
C ASP B 380 9.88 3.58 0.28
N SER B 381 10.32 3.50 1.53
CA SER B 381 11.45 2.69 1.98
C SER B 381 11.02 1.25 2.20
N VAL B 382 11.96 0.42 2.70
CA VAL B 382 11.62 -0.90 3.17
C VAL B 382 11.85 -0.99 4.68
N ALA B 383 11.66 0.12 5.40
CA ALA B 383 11.86 0.20 6.85
C ALA B 383 10.53 0.36 7.55
N HIS B 384 10.48 -0.08 8.79
CA HIS B 384 9.44 0.35 9.71
C HIS B 384 9.96 1.59 10.41
N GLY B 385 9.36 2.75 10.12
CA GLY B 385 9.84 3.99 10.63
C GLY B 385 8.79 5.08 10.57
N PRO B 386 9.13 6.25 11.09
CA PRO B 386 8.16 7.34 11.16
C PRO B 386 8.03 8.09 9.82
N ASP B 387 6.89 8.73 9.59
CA ASP B 387 6.76 9.55 8.39
C ASP B 387 7.41 10.93 8.55
N LYS B 388 7.66 11.37 9.78
CA LYS B 388 8.29 12.65 10.08
C LYS B 388 8.61 12.70 11.55
N LEU B 389 9.55 13.55 11.92
CA LEU B 389 10.02 13.70 13.31
C LEU B 389 10.11 15.20 13.62
N PRO B 390 8.99 15.88 13.67
CA PRO B 390 9.03 17.33 13.93
C PRO B 390 9.39 17.61 15.38
N VAL B 391 10.37 18.51 15.58
CA VAL B 391 10.78 18.88 16.92
C VAL B 391 10.85 20.40 17.05
N LEU B 392 10.86 20.85 18.28
CA LEU B 392 11.05 22.24 18.62
C LEU B 392 12.40 22.22 19.24
N LEU B 393 13.28 23.07 18.79
CA LEU B 393 14.64 23.06 19.26
C LEU B 393 14.95 23.91 20.43
N HIS B 394 14.35 25.08 20.54
CA HIS B 394 14.62 25.95 21.67
C HIS B 394 13.44 26.14 22.56
CHA HEM C . -19.44 -5.09 -3.75
CHB HEM C . -19.31 -2.34 -7.56
CHC HEM C . -22.65 0.47 -5.57
CHD HEM C . -22.35 -2.12 -1.53
C1A HEM C . -19.05 -4.57 -4.95
C2A HEM C . -18.02 -5.15 -5.86
C3A HEM C . -17.99 -4.40 -6.94
C4A HEM C . -18.97 -3.33 -6.71
CMA HEM C . -17.13 -4.49 -8.19
CAA HEM C . -17.15 -6.41 -5.65
CBA HEM C . -17.97 -7.64 -5.96
CGA HEM C . -17.19 -8.92 -5.96
O1A HEM C . -17.63 -9.81 -6.71
O2A HEM C . -16.19 -9.05 -5.22
C1B HEM C . -20.26 -1.36 -7.41
C2B HEM C . -20.69 -0.42 -8.45
C3B HEM C . -21.62 0.38 -7.87
C4B HEM C . -21.76 -0.06 -6.48
CMB HEM C . -20.14 -0.41 -9.89
CAB HEM C . -22.42 1.51 -8.41
CBB HEM C . -22.40 1.95 -9.66
C1C HEM C . -22.94 -0.02 -4.31
C2C HEM C . -23.97 0.48 -3.39
C3C HEM C . -23.86 -0.21 -2.27
C4C HEM C . -22.78 -1.20 -2.46
CMC HEM C . -24.96 1.59 -3.78
CAC HEM C . -24.68 -0.15 -0.99
CBC HEM C . -25.97 0.15 -1.10
C1D HEM C . -21.58 -3.23 -1.69
C2D HEM C . -21.33 -4.34 -0.76
C3D HEM C . -20.48 -5.18 -1.40
C4D HEM C . -20.23 -4.60 -2.75
CMD HEM C . -21.92 -4.46 0.67
CAD HEM C . -19.93 -6.48 -0.87
CBD HEM C . -20.72 -7.65 -1.47
CGD HEM C . -20.22 -9.02 -1.06
O1D HEM C . -21.08 -9.96 -1.00
O2D HEM C . -18.99 -9.23 -0.82
NA HEM C . -19.58 -3.51 -5.54
NB HEM C . -20.91 -1.02 -6.28
NC HEM C . -22.27 -1.00 -3.67
ND HEM C . -20.88 -3.48 -2.78
FE HEM C . -21.17 -2.41 -4.70
C1 STR D . -13.71 -3.66 -5.90
C2 STR D . -12.55 -3.50 -6.84
C3 STR D . -12.77 -2.58 -7.90
O3 STR D . -12.25 -2.75 -8.96
C4 STR D . -13.63 -1.39 -7.65
C5 STR D . -14.45 -1.37 -6.27
C6 STR D . -15.04 -0.19 -5.86
C7 STR D . -16.43 -0.55 -4.97
C8 STR D . -16.19 -1.18 -4.01
C9 STR D . -15.42 -2.46 -4.34
C10 STR D . -14.19 -2.20 -5.31
C11 STR D . -15.01 -3.30 -3.12
C12 STR D . -15.88 -3.35 -2.25
C13 STR D . -16.58 -2.21 -2.01
C14 STR D . -16.95 -1.37 -3.37
C15 STR D . -17.98 -0.18 -2.70
C16 STR D . -18.84 -0.88 -1.66
C17 STR D . -18.06 -2.25 -1.20
C18 STR D . -15.75 -1.23 -1.17
C19 STR D . -12.98 -1.68 -4.51
C20 STR D . -18.02 -2.40 0.14
O20 STR D . -18.19 -1.52 0.92
C21 STR D . -17.80 -3.80 0.68
CHA HEM E . 23.22 -7.42 5.67
CHB HEM E . 20.48 -4.68 8.45
CHC HEM E . 23.61 -1.17 8.00
CHD HEM E . 26.15 -3.76 4.87
C1A HEM E . 22.17 -6.97 6.43
C2A HEM E . 21.00 -7.75 6.78
C3A HEM E . 20.27 -6.97 7.57
C4A HEM E . 20.94 -5.73 7.74
CMA HEM E . 18.94 -7.34 8.21
CAA HEM E . 20.62 -9.19 6.34
CBA HEM E . 21.32 -10.19 7.26
CGA HEM E . 20.82 -11.60 7.10
O1A HEM E . 20.94 -12.45 8.10
O2A HEM E . 20.32 -11.86 5.95
C1B HEM E . 21.09 -3.50 8.62
C2B HEM E . 20.63 -2.44 9.54
C3B HEM E . 21.52 -1.45 9.34
C4B HEM E . 22.52 -1.89 8.39
CMB HEM E . 19.38 -2.52 10.44
CAB HEM E . 21.65 -0.12 10.03
CBB HEM E . 20.82 0.30 10.97
C1C HEM E . 24.61 -1.54 7.15
C2C HEM E . 25.81 -0.79 6.88
C3C HEM E . 26.49 -1.52 5.97
C4C HEM E . 25.75 -2.75 5.70
CMC HEM E . 26.13 0.56 7.56
CAC HEM E . 27.83 -1.27 5.29
CBC HEM E . 28.59 -0.21 5.52
C1D HEM E . 25.63 -5.02 4.82
C2D HEM E . 26.11 -6.15 4.02
C3D HEM E . 25.28 -7.17 4.26
C4D HEM E . 24.27 -6.70 5.20
CMD HEM E . 27.34 -6.10 3.11
CAD HEM E . 25.31 -8.60 3.73
CBD HEM E . 25.84 -9.51 4.86
CGD HEM E . 25.94 -10.95 4.35
O1D HEM E . 26.96 -11.58 4.65
O2D HEM E . 25.02 -11.44 3.63
NA HEM E . 22.10 -5.77 7.03
NB HEM E . 22.18 -3.11 7.96
NC HEM E . 24.62 -2.73 6.42
ND HEM E . 24.52 -5.41 5.49
FE HEM E . 23.50 -4.34 6.93
C1 STR F . 17.40 -7.33 4.09
C2 STR F . 16.01 -7.47 4.65
C3 STR F . 15.57 -6.38 5.46
O3 STR F . 14.67 -6.48 6.23
C4 STR F . 16.19 -5.04 5.37
C5 STR F . 17.33 -4.87 4.29
C6 STR F . 17.79 -3.62 4.00
C7 STR F . 19.48 -3.64 4.10
C8 STR F . 19.92 -4.37 3.29
C9 STR F . 19.37 -5.77 3.38
C10 STR F . 17.77 -5.84 3.52
C11 STR F . 19.90 -6.72 2.28
C12 STR F . 21.09 -6.56 1.99
C13 STR F . 21.55 -5.30 1.96
C14 STR F . 20.95 -4.38 3.17
C15 STR F . 21.88 -2.96 2.98
C16 STR F . 23.10 -3.28 2.14
C17 STR F . 23.20 -4.89 2.05
C18 STR F . 21.03 -4.60 0.68
C19 STR F . 17.04 -5.68 2.15
C20 STR F . 23.99 -5.33 1.05
O20 STR F . 24.60 -4.61 0.28
C21 STR F . 24.16 -6.84 0.94
#